data_7VYY
#
_entry.id   7VYY
#
_cell.length_a   112.349
_cell.length_b   106.052
_cell.length_c   94.343
_cell.angle_alpha   90.000
_cell.angle_beta   124.870
_cell.angle_gamma   90.000
#
_symmetry.space_group_name_H-M   'C 1 2 1'
#
loop_
_entity.id
_entity.type
_entity.pdbx_description
1 polymer 'Putative UDP-N-acetylglucosamine 2-epimerase'
2 non-polymer 'SODIUM ION'
3 water water
#
_entity_poly.entity_id   1
_entity_poly.type   'polypeptide(L)'
_entity_poly.pdbx_seq_one_letter_code
;MALRVGIVYGTRPEAIKLAPLVLALDADPGFEPVIITTGQHRDMLDEINELFGLRPRHNLDIMRPGQRLSAMASRIVGEL
GDPLLDELVDVAVVQGDTSTAFAAAYAAACERIPVAHLEAGLRTGDRFEPFPEEINRRLITQLADLHFAPTADAAGNLLA
EGVRSDDVYVTGNTVIDAMHLVLDRPGDSANRELDAFTEGRQTVLLTMHRRESWGIPMGRVAAAVAELCRSRPTLRFVIP
LHPNPEVRRVFRSHLSSLTQVLLCEPLRYSEFIRLMHRAVLVLTDSGGVQEEAPTLGKPVLVLRDRTERPEGIAAGCARL
VGTDPALIVKEVGRLLDDPEAYEAMRRPGIVCYGEGDAAARCLEALRERWLSSPDASAGLRTYR
;
_entity_poly.pdbx_strand_id   A,B
#
# COMPACT_ATOMS: atom_id res chain seq x y z
N ALA A 2 0.41 -8.32 29.48
CA ALA A 2 0.88 -6.95 29.02
C ALA A 2 0.98 -6.91 27.49
N LEU A 3 0.53 -5.80 26.89
CA LEU A 3 0.46 -5.68 25.40
C LEU A 3 1.89 -5.59 24.85
N ARG A 4 2.32 -6.59 24.09
CA ARG A 4 3.69 -6.66 23.51
C ARG A 4 3.72 -5.85 22.19
N VAL A 5 4.42 -4.71 22.21
CA VAL A 5 4.43 -3.69 21.12
C VAL A 5 5.73 -3.83 20.33
N GLY A 6 5.62 -4.26 19.07
CA GLY A 6 6.74 -4.31 18.12
C GLY A 6 7.13 -2.90 17.71
N ILE A 7 8.43 -2.60 17.75
CA ILE A 7 9.02 -1.31 17.29
C ILE A 7 10.04 -1.67 16.20
N VAL A 8 9.72 -1.34 14.95
CA VAL A 8 10.58 -1.69 13.78
C VAL A 8 11.08 -0.40 13.12
N TYR A 9 12.40 -0.28 12.99
CA TYR A 9 13.10 0.79 12.25
C TYR A 9 14.39 0.23 11.63
N GLY A 10 14.96 0.99 10.69
CA GLY A 10 16.22 0.67 10.00
C GLY A 10 17.23 1.80 10.02
N THR A 11 16.82 3.02 10.38
CA THR A 11 17.63 4.26 10.19
C THR A 11 17.61 5.13 11.45
N ARG A 12 18.58 6.05 11.54
CA ARG A 12 18.80 6.99 12.66
C ARG A 12 17.56 7.87 12.86
N PRO A 13 16.96 8.46 11.79
CA PRO A 13 15.81 9.36 11.97
C PRO A 13 14.57 8.65 12.54
N GLU A 14 14.34 7.40 12.13
CA GLU A 14 13.25 6.55 12.67
C GLU A 14 13.50 6.31 14.16
N ALA A 15 14.71 5.85 14.49
CA ALA A 15 15.14 5.53 15.87
C ALA A 15 14.97 6.75 16.77
N ILE A 16 15.33 7.94 16.28
CA ILE A 16 15.22 9.21 17.06
C ILE A 16 13.75 9.50 17.39
N LYS A 17 12.84 9.36 16.42
CA LYS A 17 11.41 9.72 16.58
C LYS A 17 10.67 8.64 17.37
N LEU A 18 11.17 7.40 17.36
CA LEU A 18 10.53 6.25 18.08
C LEU A 18 11.00 6.19 19.54
N ALA A 19 12.20 6.68 19.85
CA ALA A 19 12.86 6.51 21.16
C ALA A 19 11.94 6.97 22.29
N PRO A 20 11.34 8.18 22.24
CA PRO A 20 10.46 8.65 23.32
C PRO A 20 9.21 7.78 23.53
N LEU A 21 8.72 7.13 22.48
CA LEU A 21 7.58 6.17 22.53
C LEU A 21 8.06 4.88 23.20
N VAL A 22 9.24 4.38 22.79
CA VAL A 22 9.89 3.18 23.38
C VAL A 22 10.06 3.38 24.89
N LEU A 23 10.68 4.50 25.30
CA LEU A 23 10.97 4.84 26.71
C LEU A 23 9.65 4.89 27.50
N ALA A 24 8.60 5.49 26.93
CA ALA A 24 7.28 5.62 27.57
C ALA A 24 6.60 4.24 27.66
N LEU A 25 6.78 3.38 26.65
CA LEU A 25 6.24 2.00 26.62
C LEU A 25 6.94 1.13 27.67
N ASP A 26 8.24 1.36 27.89
CA ASP A 26 9.06 0.70 28.94
C ASP A 26 8.49 1.06 30.32
N ALA A 27 8.39 2.37 30.61
CA ALA A 27 7.99 2.95 31.91
C ALA A 27 6.57 2.49 32.31
N ASP A 28 5.62 2.49 31.38
CA ASP A 28 4.20 2.12 31.60
C ASP A 28 4.10 0.59 31.77
N PRO A 29 3.42 0.12 32.84
CA PRO A 29 3.32 -1.33 33.12
C PRO A 29 2.30 -2.09 32.24
N GLY A 30 1.51 -1.38 31.43
CA GLY A 30 0.49 -1.97 30.53
C GLY A 30 1.07 -2.52 29.23
N PHE A 31 2.32 -2.14 28.90
CA PHE A 31 2.96 -2.46 27.59
C PHE A 31 4.36 -3.04 27.82
N GLU A 32 4.84 -3.77 26.83
CA GLU A 32 6.23 -4.29 26.72
C GLU A 32 6.75 -3.98 25.32
N PRO A 33 7.68 -3.01 25.15
CA PRO A 33 8.27 -2.74 23.83
C PRO A 33 9.24 -3.85 23.42
N VAL A 34 9.22 -4.23 22.15
CA VAL A 34 10.17 -5.22 21.55
C VAL A 34 10.73 -4.62 20.25
N ILE A 35 11.97 -4.16 20.27
CA ILE A 35 12.63 -3.50 19.10
C ILE A 35 13.22 -4.55 18.16
N ILE A 36 12.77 -4.57 16.90
CA ILE A 36 13.43 -5.29 15.77
C ILE A 36 13.96 -4.23 14.81
N THR A 37 15.24 -4.27 14.46
CA THR A 37 15.86 -3.36 13.46
C THR A 37 16.08 -4.10 12.14
N THR A 38 16.14 -3.33 11.05
CA THR A 38 16.40 -3.81 9.66
C THR A 38 17.73 -3.25 9.12
N GLY A 39 18.31 -2.26 9.82
CA GLY A 39 19.56 -1.58 9.42
C GLY A 39 20.74 -2.12 10.20
N ASP A 46 22.93 2.60 16.43
CA ASP A 46 23.89 2.02 17.40
C ASP A 46 24.46 3.14 18.28
N GLU A 47 25.06 4.16 17.65
CA GLU A 47 25.32 5.49 18.28
C GLU A 47 24.05 5.96 19.01
N ILE A 48 22.92 5.92 18.32
CA ILE A 48 21.61 6.51 18.77
C ILE A 48 20.96 5.56 19.76
N ASN A 49 21.07 4.24 19.54
CA ASN A 49 20.64 3.18 20.50
C ASN A 49 21.24 3.49 21.87
N GLU A 50 22.55 3.73 21.93
CA GLU A 50 23.32 3.99 23.18
C GLU A 50 22.89 5.32 23.81
N LEU A 51 22.52 6.32 23.00
CA LEU A 51 22.17 7.69 23.47
C LEU A 51 20.81 7.71 24.15
N PHE A 52 19.86 6.88 23.70
CA PHE A 52 18.45 6.86 24.21
C PHE A 52 18.20 5.67 25.14
N GLY A 53 19.07 4.66 25.09
CA GLY A 53 18.94 3.41 25.87
C GLY A 53 18.03 2.41 25.19
N LEU A 54 18.07 2.35 23.86
CA LEU A 54 17.33 1.36 23.03
C LEU A 54 18.15 0.07 22.96
N ARG A 55 17.57 -1.06 23.40
CA ARG A 55 18.24 -2.39 23.34
C ARG A 55 17.47 -3.28 22.37
N PRO A 56 17.87 -3.32 21.08
CA PRO A 56 17.24 -4.21 20.11
C PRO A 56 17.27 -5.68 20.56
N ARG A 57 16.16 -6.40 20.35
CA ARG A 57 16.04 -7.86 20.61
C ARG A 57 16.47 -8.65 19.38
N HIS A 58 16.23 -8.10 18.18
CA HIS A 58 16.68 -8.66 16.87
C HIS A 58 17.25 -7.55 16.00
N ASN A 59 18.43 -7.79 15.40
CA ASN A 59 19.04 -6.95 14.33
C ASN A 59 19.16 -7.81 13.07
N LEU A 60 18.28 -7.59 12.09
CA LEU A 60 18.19 -8.43 10.86
C LEU A 60 19.38 -8.18 9.92
N ASP A 61 19.90 -6.95 9.86
CA ASP A 61 21.10 -6.60 9.05
C ASP A 61 20.79 -6.72 7.55
N ILE A 62 19.66 -6.15 7.12
CA ILE A 62 19.19 -6.19 5.70
C ILE A 62 19.82 -5.05 4.91
N MET A 63 19.66 -3.82 5.39
CA MET A 63 19.93 -2.57 4.63
C MET A 63 21.44 -2.43 4.40
N ARG A 64 21.79 -1.93 3.21
CA ARG A 64 23.17 -1.56 2.79
C ARG A 64 23.09 -0.30 1.94
N PRO A 65 24.21 0.45 1.76
CA PRO A 65 24.23 1.55 0.80
C PRO A 65 24.20 1.05 -0.65
N GLY A 66 23.41 1.71 -1.50
CA GLY A 66 23.30 1.41 -2.94
C GLY A 66 22.68 0.05 -3.23
N GLN A 67 21.87 -0.46 -2.30
CA GLN A 67 21.05 -1.70 -2.47
C GLN A 67 19.78 -1.32 -3.23
N ARG A 68 19.33 -2.16 -4.15
CA ARG A 68 18.05 -1.97 -4.89
C ARG A 68 16.90 -1.94 -3.88
N LEU A 69 16.00 -0.97 -4.01
CA LEU A 69 14.77 -0.85 -3.19
C LEU A 69 14.05 -2.21 -3.13
N SER A 70 13.87 -2.84 -4.30
CA SER A 70 13.19 -4.16 -4.47
C SER A 70 13.88 -5.22 -3.61
N ALA A 71 15.21 -5.18 -3.49
CA ALA A 71 16.01 -6.15 -2.71
C ALA A 71 15.76 -5.92 -1.22
N MET A 72 15.76 -4.67 -0.78
CA MET A 72 15.51 -4.27 0.63
C MET A 72 14.10 -4.71 1.04
N ALA A 73 13.09 -4.32 0.25
CA ALA A 73 11.66 -4.62 0.50
C ALA A 73 11.46 -6.14 0.61
N SER A 74 12.06 -6.89 -0.32
CA SER A 74 11.94 -8.37 -0.44
C SER A 74 12.47 -9.05 0.83
N ARG A 75 13.66 -8.66 1.28
CA ARG A 75 14.31 -9.24 2.49
C ARG A 75 13.44 -8.93 3.74
N ILE A 76 12.99 -7.69 3.90
CA ILE A 76 12.17 -7.25 5.08
C ILE A 76 10.81 -7.96 5.04
N VAL A 77 10.14 -7.99 3.88
CA VAL A 77 8.83 -8.67 3.71
C VAL A 77 8.99 -10.16 4.01
N GLY A 78 10.14 -10.76 3.64
CA GLY A 78 10.40 -12.21 3.76
C GLY A 78 10.79 -12.64 5.18
N GLU A 79 11.47 -11.78 5.94
CA GLU A 79 12.25 -12.18 7.14
C GLU A 79 11.69 -11.59 8.46
N LEU A 80 10.84 -10.56 8.44
CA LEU A 80 10.41 -9.86 9.68
C LEU A 80 9.29 -10.64 10.40
N GLY A 81 8.46 -11.41 9.67
CA GLY A 81 7.33 -12.15 10.24
C GLY A 81 7.74 -13.03 11.42
N ASP A 82 8.72 -13.90 11.20
CA ASP A 82 9.17 -14.96 12.16
C ASP A 82 9.54 -14.34 13.50
N PRO A 83 10.46 -13.34 13.57
CA PRO A 83 10.74 -12.67 14.83
C PRO A 83 9.53 -12.00 15.50
N LEU A 84 8.59 -11.45 14.72
CA LEU A 84 7.35 -10.83 15.26
C LEU A 84 6.52 -11.90 15.97
N LEU A 85 6.48 -13.12 15.40
CA LEU A 85 5.69 -14.27 15.91
C LEU A 85 6.39 -14.88 17.12
N ASP A 86 7.70 -15.12 17.01
CA ASP A 86 8.56 -15.69 18.09
C ASP A 86 8.44 -14.82 19.34
N GLU A 87 8.39 -13.50 19.19
CA GLU A 87 8.35 -12.54 20.33
C GLU A 87 6.90 -12.25 20.74
N LEU A 88 5.93 -12.93 20.12
CA LEU A 88 4.48 -12.88 20.47
C LEU A 88 4.00 -11.42 20.44
N VAL A 89 4.47 -10.63 19.47
CA VAL A 89 4.09 -9.20 19.30
C VAL A 89 2.58 -9.13 19.02
N ASP A 90 1.88 -8.23 19.71
CA ASP A 90 0.40 -8.04 19.58
C ASP A 90 0.12 -6.93 18.56
N VAL A 91 0.93 -5.86 18.58
CA VAL A 91 0.85 -4.71 17.65
C VAL A 91 2.27 -4.35 17.20
N ALA A 92 2.43 -3.97 15.93
CA ALA A 92 3.68 -3.45 15.34
C ALA A 92 3.54 -1.94 15.08
N VAL A 93 4.48 -1.14 15.59
CA VAL A 93 4.61 0.33 15.34
C VAL A 93 5.72 0.53 14.30
N VAL A 94 5.40 1.26 13.22
CA VAL A 94 6.40 1.78 12.23
C VAL A 94 6.30 3.31 12.19
N GLN A 95 7.32 3.97 11.66
CA GLN A 95 7.49 5.45 11.72
C GLN A 95 7.71 6.02 10.32
N GLY A 96 7.11 7.15 10.03
CA GLY A 96 7.44 8.03 8.90
C GLY A 96 7.14 7.40 7.55
N ASP A 97 8.00 7.66 6.56
CA ASP A 97 7.74 7.41 5.13
C ASP A 97 8.79 6.45 4.56
N THR A 98 9.53 5.74 5.42
CA THR A 98 10.69 4.90 5.04
C THR A 98 10.19 3.64 4.33
N SER A 99 11.07 2.99 3.59
CA SER A 99 10.79 1.72 2.88
C SER A 99 10.76 0.58 3.91
N THR A 100 11.50 0.72 5.00
CA THR A 100 11.44 -0.17 6.19
C THR A 100 10.00 -0.16 6.72
N ALA A 101 9.50 1.01 7.09
CA ALA A 101 8.15 1.22 7.68
C ALA A 101 7.08 0.56 6.80
N PHE A 102 7.18 0.70 5.47
CA PHE A 102 6.20 0.09 4.53
C PHE A 102 6.38 -1.42 4.53
N ALA A 103 7.60 -1.90 4.30
CA ALA A 103 7.89 -3.35 4.16
C ALA A 103 7.54 -4.07 5.48
N ALA A 104 7.90 -3.46 6.61
CA ALA A 104 7.60 -3.94 7.99
C ALA A 104 6.08 -4.06 8.16
N ALA A 105 5.31 -3.03 7.79
CA ALA A 105 3.83 -2.97 7.93
C ALA A 105 3.19 -4.08 7.09
N TYR A 106 3.65 -4.30 5.85
CA TYR A 106 3.12 -5.39 5.01
C TYR A 106 3.43 -6.75 5.66
N ALA A 107 4.64 -6.93 6.20
CA ALA A 107 5.10 -8.16 6.88
C ALA A 107 4.19 -8.46 8.09
N ALA A 108 3.95 -7.45 8.92
CA ALA A 108 3.04 -7.51 10.09
C ALA A 108 1.63 -7.90 9.63
N ALA A 109 1.14 -7.31 8.54
CA ALA A 109 -0.25 -7.53 8.05
C ALA A 109 -0.39 -8.96 7.52
N CYS A 110 0.68 -9.53 6.96
CA CYS A 110 0.70 -10.92 6.45
C CYS A 110 0.44 -11.92 7.59
N GLU A 111 0.91 -11.60 8.81
CA GLU A 111 0.74 -12.45 10.02
C GLU A 111 -0.51 -11.99 10.81
N ARG A 112 -1.30 -11.08 10.23
CA ARG A 112 -2.56 -10.53 10.82
C ARG A 112 -2.26 -9.78 12.12
N ILE A 113 -1.06 -9.20 12.26
CA ILE A 113 -0.65 -8.35 13.41
C ILE A 113 -1.05 -6.91 13.11
N PRO A 114 -1.91 -6.28 13.95
CA PRO A 114 -2.28 -4.88 13.73
C PRO A 114 -1.06 -3.94 13.72
N VAL A 115 -1.11 -2.90 12.87
CA VAL A 115 -0.01 -1.91 12.68
C VAL A 115 -0.50 -0.55 13.18
N ALA A 116 0.32 0.12 14.02
CA ALA A 116 0.17 1.55 14.37
C ALA A 116 1.26 2.35 13.65
N HIS A 117 0.92 3.55 13.16
CA HIS A 117 1.82 4.40 12.34
C HIS A 117 2.11 5.70 13.08
N LEU A 118 3.37 5.90 13.49
CA LEU A 118 3.84 7.16 14.11
C LEU A 118 4.19 8.15 12.99
N GLU A 119 3.73 9.40 13.13
CA GLU A 119 3.85 10.51 12.14
C GLU A 119 3.13 10.11 10.85
N ALA A 120 1.81 10.08 10.90
CA ALA A 120 0.91 9.65 9.80
C ALA A 120 0.18 10.86 9.22
N GLY A 121 0.02 10.91 7.90
CA GLY A 121 -0.90 11.86 7.23
C GLY A 121 -0.20 13.00 6.50
N LEU A 122 1.14 13.09 6.56
CA LEU A 122 1.91 14.14 5.83
C LEU A 122 1.81 13.88 4.32
N ARG A 123 1.38 14.88 3.54
CA ARG A 123 1.21 14.76 2.06
C ARG A 123 1.75 16.02 1.39
N THR A 124 2.67 15.87 0.44
CA THR A 124 3.17 16.97 -0.43
C THR A 124 2.14 17.27 -1.53
N GLY A 125 1.28 16.30 -1.87
CA GLY A 125 0.32 16.37 -2.98
C GLY A 125 1.01 16.30 -4.33
N ASP A 126 2.20 15.69 -4.37
CA ASP A 126 3.10 15.59 -5.56
C ASP A 126 3.51 14.13 -5.74
N ARG A 127 2.73 13.37 -6.51
CA ARG A 127 2.88 11.91 -6.75
C ARG A 127 4.34 11.57 -7.09
N PHE A 128 4.90 10.56 -6.40
CA PHE A 128 6.25 9.98 -6.62
C PHE A 128 7.32 11.06 -6.54
N GLU A 129 7.08 12.10 -5.72
CA GLU A 129 8.06 13.16 -5.40
C GLU A 129 7.91 13.52 -3.92
N PRO A 130 8.86 13.10 -3.05
CA PRO A 130 10.00 12.27 -3.44
C PRO A 130 9.64 10.78 -3.60
N PHE A 131 10.54 10.03 -4.25
CA PHE A 131 10.40 8.57 -4.49
C PHE A 131 11.43 7.80 -3.67
N PRO A 132 11.06 6.74 -2.90
CA PRO A 132 9.67 6.25 -2.81
C PRO A 132 8.85 6.76 -1.62
N GLU A 133 9.29 7.84 -0.97
CA GLU A 133 8.70 8.32 0.31
C GLU A 133 7.20 8.56 0.15
N GLU A 134 6.78 9.15 -0.97
CA GLU A 134 5.39 9.63 -1.16
C GLU A 134 4.43 8.45 -1.29
N ILE A 135 4.80 7.40 -2.03
CA ILE A 135 3.98 6.18 -2.23
C ILE A 135 4.00 5.36 -0.93
N ASN A 136 5.15 5.26 -0.26
CA ASN A 136 5.31 4.57 1.05
C ASN A 136 4.26 5.09 2.03
N ARG A 137 4.15 6.41 2.17
CA ARG A 137 3.17 7.07 3.08
C ARG A 137 1.76 6.53 2.80
N ARG A 138 1.39 6.42 1.52
CA ARG A 138 0.02 6.06 1.09
C ARG A 138 -0.18 4.55 1.30
N LEU A 139 0.85 3.74 1.07
CA LEU A 139 0.78 2.28 1.30
C LEU A 139 0.62 2.01 2.80
N ILE A 140 1.48 2.59 3.64
CA ILE A 140 1.48 2.43 5.12
C ILE A 140 0.07 2.80 5.63
N THR A 141 -0.50 3.88 5.10
CA THR A 141 -1.83 4.42 5.52
C THR A 141 -2.91 3.36 5.29
N GLN A 142 -2.81 2.56 4.22
CA GLN A 142 -3.80 1.49 3.92
C GLN A 142 -3.58 0.28 4.84
N LEU A 143 -2.36 0.07 5.32
CA LEU A 143 -1.98 -1.14 6.11
C LEU A 143 -2.28 -0.92 7.59
N ALA A 144 -2.18 0.32 8.08
CA ALA A 144 -2.22 0.67 9.51
C ALA A 144 -3.68 0.62 10.03
N ASP A 145 -3.88 0.07 11.23
CA ASP A 145 -5.18 0.09 11.94
C ASP A 145 -5.28 1.41 12.73
N LEU A 146 -4.15 1.86 13.28
CA LEU A 146 -4.05 3.04 14.18
C LEU A 146 -3.11 4.07 13.54
N HIS A 147 -3.49 5.35 13.52
CA HIS A 147 -2.72 6.46 12.88
C HIS A 147 -2.41 7.54 13.92
N PHE A 148 -1.13 7.73 14.24
CA PHE A 148 -0.62 8.84 15.09
C PHE A 148 -0.22 10.02 14.19
N ALA A 149 -1.18 10.90 13.92
CA ALA A 149 -1.02 12.14 13.11
C ALA A 149 -0.37 13.21 13.97
N PRO A 150 0.61 13.97 13.44
CA PRO A 150 1.27 15.03 14.20
C PRO A 150 0.46 16.32 14.32
N THR A 151 -0.52 16.52 13.43
CA THR A 151 -1.33 17.77 13.32
C THR A 151 -2.74 17.45 12.80
N ALA A 152 -3.65 18.41 12.94
CA ALA A 152 -5.05 18.34 12.46
C ALA A 152 -5.07 18.20 10.93
N ASP A 153 -4.18 18.90 10.23
CA ASP A 153 -4.04 18.87 8.74
C ASP A 153 -3.70 17.45 8.28
N ALA A 154 -2.74 16.79 8.94
CA ALA A 154 -2.31 15.41 8.65
C ALA A 154 -3.52 14.46 8.82
N ALA A 155 -4.24 14.59 9.94
CA ALA A 155 -5.47 13.82 10.24
C ALA A 155 -6.46 13.97 9.07
N GLY A 156 -6.66 15.21 8.60
CA GLY A 156 -7.53 15.52 7.44
C GLY A 156 -7.13 14.73 6.20
N ASN A 157 -5.82 14.57 5.96
CA ASN A 157 -5.29 13.88 4.75
C ASN A 157 -5.63 12.39 4.79
N LEU A 158 -5.65 11.79 5.99
CA LEU A 158 -5.95 10.36 6.20
C LEU A 158 -7.44 10.09 5.88
N LEU A 159 -8.33 11.03 6.21
CA LEU A 159 -9.80 10.92 5.95
C LEU A 159 -10.06 10.90 4.44
N ALA A 160 -9.37 11.75 3.68
CA ALA A 160 -9.46 11.84 2.20
C ALA A 160 -9.03 10.51 1.53
N GLU A 161 -8.27 9.67 2.23
CA GLU A 161 -7.79 8.37 1.70
C GLU A 161 -8.59 7.20 2.30
N GLY A 162 -9.72 7.48 2.96
CA GLY A 162 -10.72 6.47 3.35
C GLY A 162 -10.51 5.94 4.77
N VAL A 163 -9.60 6.53 5.54
CA VAL A 163 -9.34 6.10 6.95
C VAL A 163 -10.53 6.58 7.81
N ARG A 164 -11.01 5.71 8.70
CA ARG A 164 -12.08 6.00 9.68
C ARG A 164 -11.55 6.95 10.76
N SER A 165 -12.36 7.94 11.15
CA SER A 165 -12.04 8.97 12.18
C SER A 165 -11.59 8.29 13.48
N ASP A 166 -12.18 7.16 13.86
CA ASP A 166 -11.90 6.48 15.15
C ASP A 166 -10.49 5.86 15.13
N ASP A 167 -9.86 5.72 13.96
CA ASP A 167 -8.51 5.12 13.80
C ASP A 167 -7.43 6.23 13.81
N VAL A 168 -7.84 7.51 13.80
CA VAL A 168 -6.89 8.67 13.70
C VAL A 168 -6.85 9.41 15.03
N TYR A 169 -5.67 9.54 15.60
CA TYR A 169 -5.38 10.35 16.81
C TYR A 169 -4.35 11.43 16.45
N VAL A 170 -4.68 12.70 16.72
CA VAL A 170 -3.69 13.81 16.73
C VAL A 170 -2.84 13.63 17.99
N THR A 171 -1.69 13.00 17.82
CA THR A 171 -0.74 12.63 18.90
C THR A 171 0.34 13.72 19.03
N GLY A 172 0.58 14.49 17.97
CA GLY A 172 1.74 15.40 17.88
C GLY A 172 2.99 14.67 17.42
N ASN A 173 4.14 15.29 17.66
CA ASN A 173 5.45 14.89 17.07
C ASN A 173 6.42 14.62 18.21
N THR A 174 7.09 13.47 18.16
CA THR A 174 7.98 12.97 19.25
C THR A 174 9.36 13.62 19.15
N VAL A 175 9.65 14.31 18.05
CA VAL A 175 11.03 14.80 17.74
C VAL A 175 11.44 15.85 18.78
N ILE A 176 10.54 16.75 19.20
CA ILE A 176 10.82 17.78 20.25
C ILE A 176 11.26 17.09 21.55
N ASP A 177 10.65 15.94 21.89
CA ASP A 177 10.92 15.19 23.14
C ASP A 177 12.27 14.50 23.03
N ALA A 178 12.60 13.97 21.85
CA ALA A 178 13.88 13.27 21.57
C ALA A 178 15.04 14.28 21.65
N MET A 179 14.82 15.52 21.23
CA MET A 179 15.86 16.57 21.19
C MET A 179 16.09 17.14 22.60
N HIS A 180 15.03 17.27 23.39
CA HIS A 180 15.12 17.63 24.84
C HIS A 180 15.92 16.55 25.59
N LEU A 181 15.67 15.27 25.28
CA LEU A 181 16.35 14.10 25.92
C LEU A 181 17.87 14.17 25.69
N VAL A 182 18.31 14.65 24.53
CA VAL A 182 19.77 14.74 24.17
C VAL A 182 20.34 16.08 24.66
N LEU A 183 19.48 17.09 24.86
CA LEU A 183 19.85 18.39 25.51
C LEU A 183 20.05 18.22 27.02
N ASP A 184 19.76 17.03 27.59
CA ASP A 184 19.88 16.67 29.03
C ASP A 184 18.85 17.47 29.84
N ASN A 191 31.84 20.67 21.15
CA ASN A 191 31.84 20.91 22.62
C ASN A 191 33.19 21.54 23.03
N ARG A 192 34.28 21.11 22.40
CA ARG A 192 35.66 21.66 22.55
C ARG A 192 35.64 23.17 22.23
N GLU A 193 35.85 23.54 20.96
CA GLU A 193 35.90 24.95 20.47
C GLU A 193 34.49 25.40 20.07
N LEU A 194 33.64 24.49 19.60
CA LEU A 194 32.26 24.80 19.13
C LEU A 194 31.53 25.65 20.19
N ASP A 195 31.74 25.37 21.48
CA ASP A 195 31.15 26.13 22.61
C ASP A 195 31.85 27.50 22.72
N ALA A 196 33.18 27.50 22.70
CA ALA A 196 34.02 28.72 22.80
C ALA A 196 33.74 29.64 21.61
N PHE A 197 33.69 29.07 20.40
CA PHE A 197 33.55 29.80 19.11
C PHE A 197 32.20 30.53 19.04
N THR A 198 31.14 29.92 19.60
CA THR A 198 29.73 30.38 19.44
C THR A 198 29.32 31.32 20.60
N GLU A 199 29.90 31.17 21.79
CA GLU A 199 29.45 31.84 23.04
C GLU A 199 29.58 33.36 22.88
N GLY A 200 28.49 34.08 23.16
CA GLY A 200 28.43 35.56 23.12
C GLY A 200 28.09 36.10 21.74
N ARG A 201 28.11 35.26 20.70
CA ARG A 201 27.97 35.69 19.29
C ARG A 201 26.65 35.16 18.72
N GLN A 202 26.11 35.86 17.72
CA GLN A 202 25.05 35.33 16.82
C GLN A 202 25.68 34.36 15.81
N THR A 203 25.37 33.06 15.93
CA THR A 203 25.98 31.95 15.13
C THR A 203 24.96 31.37 14.16
N VAL A 204 25.29 31.31 12.87
CA VAL A 204 24.50 30.61 11.81
C VAL A 204 25.01 29.18 11.70
N LEU A 205 24.11 28.19 11.74
CA LEU A 205 24.42 26.77 11.39
C LEU A 205 24.07 26.58 9.91
N LEU A 206 25.05 26.13 9.13
CA LEU A 206 24.92 25.91 7.68
C LEU A 206 25.31 24.46 7.38
N THR A 207 24.32 23.62 7.07
CA THR A 207 24.51 22.20 6.65
C THR A 207 24.11 22.10 5.17
N MET A 208 25.03 21.60 4.34
CA MET A 208 24.84 21.51 2.87
C MET A 208 25.53 20.22 2.42
N HIS A 209 24.73 19.23 1.98
CA HIS A 209 25.17 17.80 1.91
C HIS A 209 24.64 17.11 0.65
N ARG A 210 23.47 17.53 0.12
CA ARG A 210 22.85 16.88 -1.06
C ARG A 210 23.83 16.88 -2.23
N ARG A 211 23.76 15.84 -3.08
CA ARG A 211 24.62 15.62 -4.27
C ARG A 211 24.43 16.75 -5.30
N GLU A 212 23.19 17.18 -5.51
CA GLU A 212 22.84 18.26 -6.49
C GLU A 212 23.40 19.61 -6.01
N SER A 213 23.73 19.73 -4.72
CA SER A 213 24.33 20.93 -4.09
C SER A 213 25.87 20.98 -4.31
N TRP A 214 26.50 19.85 -4.68
CA TRP A 214 27.99 19.73 -4.76
C TRP A 214 28.54 20.60 -5.88
N GLY A 215 29.75 21.13 -5.67
CA GLY A 215 30.49 21.94 -6.66
C GLY A 215 30.01 23.38 -6.67
N ILE A 216 29.46 23.81 -7.80
CA ILE A 216 29.16 25.24 -8.15
C ILE A 216 28.21 25.86 -7.12
N PRO A 217 27.10 25.18 -6.74
CA PRO A 217 26.13 25.77 -5.82
C PRO A 217 26.74 26.05 -4.44
N MET A 218 27.59 25.13 -3.96
CA MET A 218 28.34 25.25 -2.68
C MET A 218 29.22 26.50 -2.70
N GLY A 219 29.91 26.75 -3.83
CA GLY A 219 30.71 27.97 -4.06
C GLY A 219 29.87 29.23 -3.96
N ARG A 220 28.68 29.22 -4.56
CA ARG A 220 27.72 30.34 -4.53
C ARG A 220 27.32 30.61 -3.08
N VAL A 221 27.06 29.55 -2.30
CA VAL A 221 26.69 29.68 -0.87
C VAL A 221 27.92 30.16 -0.10
N ALA A 222 29.10 29.67 -0.44
CA ALA A 222 30.40 30.07 0.15
C ALA A 222 30.61 31.58 -0.01
N ALA A 223 30.29 32.12 -1.19
CA ALA A 223 30.44 33.56 -1.52
C ALA A 223 29.48 34.41 -0.66
N ALA A 224 28.23 33.96 -0.50
CA ALA A 224 27.21 34.59 0.35
C ALA A 224 27.72 34.70 1.80
N VAL A 225 28.31 33.62 2.32
CA VAL A 225 28.86 33.55 3.70
C VAL A 225 29.97 34.62 3.83
N ALA A 226 30.88 34.65 2.85
CA ALA A 226 31.99 35.65 2.74
C ALA A 226 31.41 37.08 2.82
N GLU A 227 30.46 37.40 1.95
CA GLU A 227 29.77 38.73 1.89
C GLU A 227 29.23 39.10 3.27
N LEU A 228 28.40 38.23 3.85
CA LEU A 228 27.74 38.44 5.17
C LEU A 228 28.80 38.66 6.25
N CYS A 229 29.87 37.87 6.25
CA CYS A 229 31.00 37.97 7.22
C CYS A 229 31.72 39.31 7.09
N ARG A 230 31.82 39.83 5.85
CA ARG A 230 32.51 41.11 5.52
C ARG A 230 31.66 42.30 6.01
N SER A 231 30.33 42.21 5.84
CA SER A 231 29.35 43.24 6.22
C SER A 231 29.11 43.25 7.73
N ARG A 232 29.10 42.07 8.36
CA ARG A 232 28.60 41.85 9.74
C ARG A 232 29.69 41.22 10.60
N PRO A 233 30.61 42.04 11.16
CA PRO A 233 31.73 41.53 11.95
C PRO A 233 31.33 40.72 13.19
N THR A 234 30.14 40.96 13.75
CA THR A 234 29.63 40.29 14.98
C THR A 234 29.10 38.89 14.64
N LEU A 235 28.82 38.61 13.37
CA LEU A 235 28.22 37.36 12.88
C LEU A 235 29.27 36.24 12.82
N ARG A 236 28.87 35.03 13.19
CA ARG A 236 29.68 33.79 13.10
C ARG A 236 28.90 32.72 12.34
N PHE A 237 29.61 31.80 11.68
CA PHE A 237 29.07 30.61 10.97
C PHE A 237 29.80 29.36 11.44
N VAL A 238 29.05 28.30 11.73
CA VAL A 238 29.58 26.91 11.88
C VAL A 238 29.06 26.10 10.69
N ILE A 239 29.98 25.44 9.98
CA ILE A 239 29.73 24.69 8.72
C ILE A 239 30.38 23.32 8.81
N PRO A 240 29.62 22.26 9.12
CA PRO A 240 30.13 20.90 9.08
C PRO A 240 30.52 20.50 7.65
N LEU A 241 31.78 20.08 7.47
CA LEU A 241 32.36 19.65 6.17
C LEU A 241 31.90 18.23 5.84
N HIS A 242 31.60 17.98 4.56
CA HIS A 242 31.18 16.67 3.99
C HIS A 242 32.32 15.67 4.11
N PRO A 243 32.03 14.38 4.42
CA PRO A 243 33.09 13.36 4.55
C PRO A 243 33.82 12.99 3.24
N ASN A 244 33.43 13.58 2.11
CA ASN A 244 34.05 13.32 0.79
C ASN A 244 35.07 14.41 0.51
N PRO A 245 36.38 14.11 0.37
CA PRO A 245 37.41 15.16 0.29
C PRO A 245 37.24 16.13 -0.88
N GLU A 246 36.78 15.63 -2.04
CA GLU A 246 36.54 16.44 -3.26
C GLU A 246 35.46 17.49 -2.99
N VAL A 247 34.49 17.16 -2.12
CA VAL A 247 33.31 18.03 -1.83
C VAL A 247 33.72 19.10 -0.80
N ARG A 248 34.38 18.68 0.29
CA ARG A 248 34.78 19.57 1.41
C ARG A 248 35.90 20.51 0.94
N ARG A 249 36.45 20.27 -0.25
CA ARG A 249 37.49 21.10 -0.89
C ARG A 249 36.96 22.52 -1.15
N VAL A 250 35.72 22.65 -1.63
CA VAL A 250 35.09 23.94 -2.02
C VAL A 250 35.04 24.89 -0.80
N PHE A 251 34.39 24.50 0.29
CA PHE A 251 34.20 25.35 1.49
C PHE A 251 35.55 25.75 2.09
N ARG A 252 36.50 24.81 2.13
CA ARG A 252 37.89 25.08 2.61
C ARG A 252 38.53 26.18 1.75
N SER A 253 38.54 26.00 0.43
CA SER A 253 39.16 26.94 -0.56
C SER A 253 38.55 28.34 -0.44
N HIS A 254 37.28 28.46 -0.06
CA HIS A 254 36.55 29.75 0.04
C HIS A 254 36.64 30.33 1.47
N LEU A 255 36.53 29.53 2.53
CA LEU A 255 36.16 30.01 3.88
C LEU A 255 37.21 29.74 4.97
N SER A 256 38.27 28.98 4.69
CA SER A 256 39.23 28.51 5.74
C SER A 256 40.00 29.68 6.35
N SER A 257 40.20 30.77 5.57
CA SER A 257 40.98 31.96 5.99
C SER A 257 40.12 32.95 6.81
N LEU A 258 38.79 32.77 6.85
CA LEU A 258 37.87 33.66 7.60
C LEU A 258 37.82 33.24 9.08
N THR A 259 38.05 34.17 10.00
CA THR A 259 38.06 33.94 11.47
C THR A 259 36.62 33.79 11.96
N GLN A 260 35.65 34.35 11.24
CA GLN A 260 34.20 34.32 11.61
C GLN A 260 33.52 33.00 11.20
N VAL A 261 34.27 32.07 10.61
CA VAL A 261 33.74 30.79 10.06
C VAL A 261 34.52 29.65 10.70
N LEU A 262 33.82 28.75 11.41
CA LEU A 262 34.37 27.47 11.90
C LEU A 262 33.90 26.37 10.93
N LEU A 263 34.85 25.77 10.22
CA LEU A 263 34.66 24.52 9.44
C LEU A 263 35.03 23.35 10.34
N CYS A 264 34.06 22.49 10.69
CA CYS A 264 34.27 21.34 11.62
C CYS A 264 34.05 20.01 10.90
N GLU A 265 34.48 18.91 11.53
CA GLU A 265 34.25 17.52 11.06
C GLU A 265 32.75 17.21 11.15
N PRO A 266 32.25 16.18 10.45
CA PRO A 266 30.87 15.73 10.64
C PRO A 266 30.58 15.55 12.13
N LEU A 267 29.44 16.06 12.60
CA LEU A 267 29.05 16.05 14.03
C LEU A 267 28.27 14.77 14.35
N ARG A 268 28.45 14.26 15.56
CA ARG A 268 27.52 13.27 16.19
C ARG A 268 26.22 14.01 16.49
N TYR A 269 25.12 13.28 16.64
CA TYR A 269 23.74 13.82 16.80
C TYR A 269 23.66 14.76 18.02
N SER A 270 24.26 14.40 19.15
CA SER A 270 24.19 15.19 20.42
C SER A 270 24.83 16.56 20.22
N GLU A 271 26.05 16.59 19.68
CA GLU A 271 26.83 17.84 19.41
C GLU A 271 26.05 18.69 18.39
N PHE A 272 25.51 18.04 17.36
CA PHE A 272 24.79 18.68 16.24
C PHE A 272 23.57 19.45 16.77
N ILE A 273 22.73 18.82 17.59
CA ILE A 273 21.44 19.47 17.99
C ILE A 273 21.73 20.45 19.15
N ARG A 274 22.80 20.24 19.92
CA ARG A 274 23.34 21.22 20.90
C ARG A 274 23.72 22.51 20.17
N LEU A 275 24.45 22.38 19.06
CA LEU A 275 24.90 23.49 18.20
C LEU A 275 23.68 24.21 17.60
N MET A 276 22.74 23.42 17.07
CA MET A 276 21.49 23.94 16.44
C MET A 276 20.67 24.71 17.47
N HIS A 277 20.73 24.32 18.74
CA HIS A 277 20.01 24.96 19.87
C HIS A 277 20.64 26.32 20.17
N ARG A 278 21.96 26.42 20.05
CA ARG A 278 22.76 27.64 20.33
C ARG A 278 22.64 28.64 19.16
N ALA A 279 22.52 28.15 17.92
CA ALA A 279 22.46 28.96 16.68
C ALA A 279 21.31 29.98 16.75
N VAL A 280 21.42 31.08 16.01
CA VAL A 280 20.35 32.12 15.89
C VAL A 280 19.48 31.80 14.67
N LEU A 281 20.06 31.23 13.61
CA LEU A 281 19.26 30.70 12.47
C LEU A 281 20.04 29.61 11.74
N VAL A 282 19.34 28.87 10.89
CA VAL A 282 19.81 27.60 10.28
C VAL A 282 19.66 27.72 8.76
N LEU A 283 20.76 27.47 8.05
CA LEU A 283 20.77 27.36 6.57
C LEU A 283 21.06 25.89 6.26
N THR A 284 20.20 25.24 5.48
CA THR A 284 20.26 23.77 5.30
C THR A 284 19.65 23.39 3.96
N ASP A 285 20.11 22.27 3.39
CA ASP A 285 19.43 21.55 2.29
C ASP A 285 18.87 20.22 2.82
N SER A 286 18.83 20.02 4.14
CA SER A 286 18.36 18.77 4.81
C SER A 286 16.88 18.89 5.19
N GLY A 287 16.09 17.91 4.75
CA GLY A 287 14.66 17.77 5.14
C GLY A 287 14.51 17.58 6.64
N GLY A 288 15.40 16.77 7.24
CA GLY A 288 15.44 16.54 8.70
C GLY A 288 15.62 17.84 9.47
N VAL A 289 16.60 18.66 9.07
CA VAL A 289 16.97 19.94 9.74
C VAL A 289 15.81 20.93 9.56
N GLN A 290 15.12 20.90 8.41
CA GLN A 290 13.94 21.79 8.15
C GLN A 290 12.86 21.53 9.21
N GLU A 291 12.80 20.30 9.73
CA GLU A 291 11.85 19.92 10.82
C GLU A 291 12.43 20.27 12.19
N GLU A 292 13.68 19.88 12.45
CA GLU A 292 14.32 19.98 13.81
C GLU A 292 14.47 21.45 14.21
N ALA A 293 14.94 22.31 13.30
CA ALA A 293 15.35 23.70 13.61
C ALA A 293 14.15 24.51 14.08
N PRO A 294 13.02 24.57 13.33
CA PRO A 294 11.84 25.32 13.76
C PRO A 294 11.25 24.77 15.08
N THR A 295 11.41 23.47 15.33
CA THR A 295 10.95 22.78 16.57
C THR A 295 11.74 23.31 17.78
N LEU A 296 12.99 23.74 17.58
CA LEU A 296 13.83 24.38 18.64
C LEU A 296 13.74 25.91 18.52
N GLY A 297 12.80 26.41 17.71
CA GLY A 297 12.51 27.85 17.55
C GLY A 297 13.47 28.57 16.61
N LYS A 298 14.12 27.86 15.67
CA LYS A 298 15.14 28.45 14.77
C LYS A 298 14.52 28.71 13.39
N PRO A 299 14.49 29.97 12.92
CA PRO A 299 14.11 30.26 11.54
C PRO A 299 15.05 29.53 10.58
N VAL A 300 14.50 28.99 9.48
CA VAL A 300 15.26 28.15 8.50
C VAL A 300 15.21 28.80 7.13
N LEU A 301 16.39 29.02 6.53
CA LEU A 301 16.54 29.30 5.09
C LEU A 301 16.97 28.00 4.42
N VAL A 302 16.23 27.59 3.40
CA VAL A 302 16.39 26.29 2.68
C VAL A 302 17.21 26.57 1.42
N LEU A 303 18.39 25.95 1.34
CA LEU A 303 19.38 26.13 0.24
C LEU A 303 18.96 25.24 -0.93
N ARG A 304 17.74 25.43 -1.41
CA ARG A 304 17.10 24.63 -2.47
C ARG A 304 15.98 25.45 -3.13
N ASP A 305 15.57 25.06 -4.34
CA ASP A 305 14.45 25.68 -5.09
C ASP A 305 13.16 24.89 -4.85
N ARG A 306 13.24 23.81 -4.07
CA ARG A 306 12.07 22.96 -3.65
C ARG A 306 12.36 22.41 -2.25
N THR A 307 11.38 21.76 -1.62
CA THR A 307 11.52 21.07 -0.31
C THR A 307 10.60 19.85 -0.23
N GLU A 308 11.02 18.85 0.55
CA GLU A 308 10.21 17.67 0.95
C GLU A 308 9.34 18.02 2.17
N ARG A 309 9.49 19.23 2.73
CA ARG A 309 8.71 19.68 3.92
C ARG A 309 8.07 21.02 3.59
N PRO A 310 7.06 21.04 2.67
CA PRO A 310 6.37 22.29 2.31
C PRO A 310 5.50 22.89 3.42
N GLU A 311 5.21 22.13 4.48
CA GLU A 311 4.43 22.61 5.65
C GLU A 311 5.12 23.84 6.25
N GLY A 312 6.45 23.78 6.41
CA GLY A 312 7.26 24.87 6.96
C GLY A 312 7.22 26.14 6.12
N ILE A 313 7.12 26.00 4.78
CA ILE A 313 7.01 27.15 3.85
C ILE A 313 5.64 27.80 4.03
N ALA A 314 4.58 26.99 4.18
CA ALA A 314 3.19 27.46 4.33
C ALA A 314 3.01 28.18 5.67
N ALA A 315 3.60 27.66 6.74
CA ALA A 315 3.47 28.22 8.11
C ALA A 315 4.37 29.47 8.23
N GLY A 316 5.39 29.58 7.37
CA GLY A 316 6.32 30.72 7.33
C GLY A 316 7.45 30.61 8.35
N CYS A 317 7.77 29.39 8.82
CA CYS A 317 8.94 29.12 9.71
C CYS A 317 10.16 28.70 8.87
N ALA A 318 9.95 28.46 7.58
CA ALA A 318 10.99 28.15 6.58
C ALA A 318 10.78 29.01 5.32
N ARG A 319 11.83 29.19 4.52
CA ARG A 319 11.84 30.06 3.31
C ARG A 319 12.81 29.48 2.29
N LEU A 320 12.36 29.21 1.07
CA LEU A 320 13.21 28.76 -0.06
C LEU A 320 14.12 29.93 -0.48
N VAL A 321 15.43 29.70 -0.47
CA VAL A 321 16.45 30.72 -0.83
C VAL A 321 17.34 30.20 -1.97
N GLY A 322 17.20 28.93 -2.36
CA GLY A 322 18.07 28.26 -3.36
C GLY A 322 19.54 28.44 -2.99
N THR A 323 20.39 28.68 -3.99
CA THR A 323 21.86 28.92 -3.81
C THR A 323 22.21 30.28 -4.41
N ASP A 324 21.24 31.20 -4.49
CA ASP A 324 21.42 32.59 -4.99
C ASP A 324 22.10 33.44 -3.92
N PRO A 325 23.37 33.87 -4.12
CA PRO A 325 24.12 34.57 -3.07
C PRO A 325 23.50 35.91 -2.63
N ALA A 326 22.99 36.71 -3.58
CA ALA A 326 22.33 38.00 -3.29
C ALA A 326 21.11 37.75 -2.37
N LEU A 327 20.30 36.74 -2.65
CA LEU A 327 19.08 36.43 -1.86
C LEU A 327 19.48 35.94 -0.45
N ILE A 328 20.51 35.10 -0.36
CA ILE A 328 20.97 34.53 0.95
C ILE A 328 21.40 35.71 1.83
N VAL A 329 22.23 36.60 1.30
CA VAL A 329 22.74 37.82 2.00
C VAL A 329 21.53 38.65 2.48
N LYS A 330 20.65 39.00 1.55
CA LYS A 330 19.41 39.78 1.82
C LYS A 330 18.62 39.09 2.94
N GLU A 331 18.28 37.81 2.76
CA GLU A 331 17.37 37.04 3.66
C GLU A 331 18.00 36.88 5.05
N VAL A 332 19.30 36.61 5.14
CA VAL A 332 19.99 36.50 6.45
C VAL A 332 19.97 37.87 7.13
N GLY A 333 20.22 38.94 6.36
CA GLY A 333 20.22 40.33 6.85
C GLY A 333 18.89 40.69 7.51
N ARG A 334 17.79 40.59 6.77
CA ARG A 334 16.40 40.84 7.24
C ARG A 334 16.22 40.23 8.65
N LEU A 335 16.58 38.96 8.84
CA LEU A 335 16.34 38.21 10.11
C LEU A 335 17.24 38.73 11.24
N LEU A 336 18.44 39.21 10.92
CA LEU A 336 19.42 39.70 11.93
C LEU A 336 19.04 41.12 12.40
N ASP A 337 18.31 41.87 11.58
CA ASP A 337 18.11 43.33 11.72
C ASP A 337 16.64 43.69 12.01
N ASP A 338 15.68 42.86 11.59
CA ASP A 338 14.22 43.08 11.74
C ASP A 338 13.67 42.08 12.76
N PRO A 339 13.59 42.44 14.07
CA PRO A 339 13.11 41.50 15.09
C PRO A 339 11.68 41.01 14.82
N GLU A 340 10.89 41.80 14.07
CA GLU A 340 9.52 41.47 13.60
C GLU A 340 9.61 40.28 12.63
N ALA A 341 10.50 40.37 11.64
CA ALA A 341 10.75 39.34 10.60
C ALA A 341 11.16 38.02 11.26
N TYR A 342 12.04 38.09 12.26
CA TYR A 342 12.60 36.93 12.99
C TYR A 342 11.48 36.18 13.74
N GLU A 343 10.60 36.94 14.40
CA GLU A 343 9.47 36.39 15.21
C GLU A 343 8.43 35.76 14.29
N ALA A 344 8.16 36.37 13.13
CA ALA A 344 7.19 35.87 12.14
C ALA A 344 7.64 34.52 11.55
N MET A 345 8.91 34.15 11.73
CA MET A 345 9.44 32.80 11.36
C MET A 345 9.60 31.92 12.60
N ARG A 346 9.80 32.51 13.79
CA ARG A 346 10.03 31.76 15.05
C ARG A 346 8.70 31.23 15.61
N ARG A 347 7.66 32.08 15.68
CA ARG A 347 6.33 31.77 16.28
C ARG A 347 5.72 30.53 15.62
N PRO A 348 5.49 30.52 14.28
CA PRO A 348 4.84 29.39 13.63
C PRO A 348 5.64 28.07 13.67
N GLY A 349 6.94 28.16 13.98
CA GLY A 349 7.95 27.08 13.85
C GLY A 349 7.68 25.92 14.78
N ILE A 350 7.57 26.17 16.09
CA ILE A 350 6.98 25.18 17.05
C ILE A 350 5.48 25.14 16.74
N VAL A 351 4.89 23.95 16.74
CA VAL A 351 3.44 23.70 16.45
C VAL A 351 3.25 23.48 14.95
N CYS A 352 4.24 23.79 14.09
CA CYS A 352 4.16 23.56 12.62
C CYS A 352 4.23 22.06 12.31
N TYR A 353 5.15 21.36 12.98
CA TYR A 353 5.39 19.91 12.78
C TYR A 353 4.77 19.13 13.94
N GLY A 354 3.96 19.78 14.78
CA GLY A 354 3.13 19.11 15.81
C GLY A 354 3.54 19.50 17.22
N GLU A 355 2.62 19.36 18.18
CA GLU A 355 2.90 19.60 19.62
C GLU A 355 3.77 18.45 20.17
N GLY A 356 4.49 18.73 21.26
CA GLY A 356 5.31 17.75 22.00
C GLY A 356 4.48 16.98 23.01
N ASP A 357 5.16 16.15 23.83
CA ASP A 357 4.57 15.17 24.77
C ASP A 357 3.71 14.16 23.98
N ALA A 358 4.14 13.80 22.78
CA ALA A 358 3.40 12.96 21.81
C ALA A 358 3.36 11.49 22.25
N ALA A 359 4.43 11.00 22.88
CA ALA A 359 4.54 9.60 23.36
C ALA A 359 3.35 9.26 24.27
N ALA A 360 3.09 10.10 25.28
CA ALA A 360 1.97 9.96 26.24
C ALA A 360 0.65 9.83 25.48
N ARG A 361 0.46 10.63 24.42
CA ARG A 361 -0.79 10.63 23.61
C ARG A 361 -0.89 9.33 22.79
N CYS A 362 0.24 8.76 22.36
CA CYS A 362 0.29 7.45 21.65
C CYS A 362 -0.15 6.35 22.63
N LEU A 363 0.36 6.39 23.86
CA LEU A 363 0.06 5.37 24.92
C LEU A 363 -1.44 5.40 25.23
N GLU A 364 -2.04 6.58 25.38
CA GLU A 364 -3.50 6.75 25.65
C GLU A 364 -4.31 6.04 24.56
N ALA A 365 -4.02 6.33 23.29
CA ALA A 365 -4.69 5.74 22.11
C ALA A 365 -4.54 4.21 22.11
N LEU A 366 -3.34 3.71 22.45
CA LEU A 366 -3.06 2.26 22.55
C LEU A 366 -3.85 1.66 23.72
N ARG A 367 -3.89 2.33 24.87
CA ARG A 367 -4.60 1.85 26.09
C ARG A 367 -6.11 1.83 25.80
N GLU A 368 -6.62 2.77 25.01
CA GLU A 368 -8.05 2.85 24.61
C GLU A 368 -8.41 1.67 23.69
N ARG A 369 -7.66 1.48 22.60
CA ARG A 369 -7.96 0.42 21.60
C ARG A 369 -7.73 -0.96 22.21
N TRP A 370 -6.62 -1.16 22.91
CA TRP A 370 -6.22 -2.43 23.58
C TRP A 370 -5.98 -2.17 25.06
N MET B 1 9.11 1.27 -32.38
CA MET B 1 8.92 0.63 -31.03
C MET B 1 7.50 0.91 -30.53
N ALA B 2 6.66 -0.12 -30.50
CA ALA B 2 5.32 -0.15 -29.87
C ALA B 2 5.46 0.14 -28.37
N LEU B 3 4.41 0.67 -27.72
CA LEU B 3 4.32 0.75 -26.23
C LEU B 3 4.30 -0.69 -25.67
N ARG B 4 5.34 -1.08 -24.94
CA ARG B 4 5.51 -2.47 -24.42
C ARG B 4 4.74 -2.59 -23.10
N VAL B 5 3.65 -3.36 -23.10
CA VAL B 5 2.69 -3.48 -21.97
C VAL B 5 2.94 -4.81 -21.24
N GLY B 6 3.43 -4.73 -20.01
CA GLY B 6 3.62 -5.88 -19.12
C GLY B 6 2.27 -6.41 -18.66
N ILE B 7 2.06 -7.72 -18.76
CA ILE B 7 0.85 -8.45 -18.27
C ILE B 7 1.33 -9.46 -17.24
N VAL B 8 1.03 -9.23 -15.96
CA VAL B 8 1.51 -10.09 -14.84
C VAL B 8 0.30 -10.73 -14.15
N TYR B 9 0.31 -12.06 -14.08
CA TYR B 9 -0.68 -12.88 -13.32
C TYR B 9 0.00 -14.13 -12.77
N GLY B 10 -0.67 -14.77 -11.82
CA GLY B 10 -0.23 -16.03 -11.19
C GLY B 10 -1.30 -17.11 -11.17
N THR B 11 -2.57 -16.76 -11.43
CA THR B 11 -3.73 -17.67 -11.22
C THR B 11 -4.66 -17.67 -12.45
N ARG B 12 -5.49 -18.70 -12.53
CA ARG B 12 -6.48 -18.95 -13.61
C ARG B 12 -7.44 -17.76 -13.73
N PRO B 13 -8.05 -17.25 -12.63
CA PRO B 13 -9.03 -16.17 -12.74
C PRO B 13 -8.44 -14.86 -13.28
N GLU B 14 -7.19 -14.56 -12.91
CA GLU B 14 -6.45 -13.38 -13.45
C GLU B 14 -6.27 -13.55 -14.95
N ALA B 15 -5.71 -14.69 -15.36
CA ALA B 15 -5.41 -15.05 -16.76
C ALA B 15 -6.68 -14.96 -17.61
N ILE B 16 -7.81 -15.44 -17.07
CA ILE B 16 -9.14 -15.44 -17.77
C ILE B 16 -9.55 -14.00 -18.06
N LYS B 17 -9.46 -13.11 -17.08
CA LYS B 17 -9.97 -11.71 -17.20
C LYS B 17 -8.98 -10.86 -18.02
N LEU B 18 -7.70 -11.24 -18.06
CA LEU B 18 -6.63 -10.49 -18.81
C LEU B 18 -6.60 -10.90 -20.28
N ALA B 19 -7.00 -12.13 -20.64
CA ALA B 19 -6.84 -12.72 -21.99
C ALA B 19 -7.40 -11.77 -23.06
N PRO B 20 -8.64 -11.26 -22.94
CA PRO B 20 -9.22 -10.37 -23.96
C PRO B 20 -8.45 -9.05 -24.15
N LEU B 21 -7.80 -8.56 -23.09
CA LEU B 21 -6.92 -7.36 -23.13
C LEU B 21 -5.63 -7.72 -23.87
N VAL B 22 -5.03 -8.87 -23.55
CA VAL B 22 -3.81 -9.41 -24.20
C VAL B 22 -4.05 -9.52 -25.71
N LEU B 23 -5.14 -10.20 -26.10
CA LEU B 23 -5.51 -10.45 -27.53
C LEU B 23 -5.69 -9.11 -28.26
N ALA B 24 -6.33 -8.12 -27.60
CA ALA B 24 -6.58 -6.78 -28.15
C ALA B 24 -5.26 -6.01 -28.27
N LEU B 25 -4.34 -6.19 -27.31
CA LEU B 25 -3.00 -5.53 -27.31
C LEU B 25 -2.13 -6.12 -28.43
N ASP B 26 -2.28 -7.42 -28.70
CA ASP B 26 -1.62 -8.14 -29.82
C ASP B 26 -2.07 -7.52 -31.15
N ALA B 27 -3.39 -7.49 -31.38
CA ALA B 27 -4.07 -7.06 -32.64
C ALA B 27 -3.72 -5.61 -32.99
N ASP B 28 -3.75 -4.71 -32.00
CA ASP B 28 -3.50 -3.26 -32.16
C ASP B 28 -2.00 -3.03 -32.40
N PRO B 29 -1.62 -2.28 -33.45
CA PRO B 29 -0.20 -2.10 -33.79
C PRO B 29 0.55 -1.08 -32.90
N GLY B 30 -0.17 -0.35 -32.06
CA GLY B 30 0.39 0.68 -31.15
C GLY B 30 1.01 0.09 -29.88
N PHE B 31 0.73 -1.18 -29.58
CA PHE B 31 1.14 -1.87 -28.32
C PHE B 31 1.82 -3.20 -28.63
N GLU B 32 2.63 -3.68 -27.68
CA GLU B 32 3.18 -5.06 -27.68
C GLU B 32 2.99 -5.66 -26.28
N PRO B 33 2.11 -6.67 -26.11
CA PRO B 33 1.93 -7.33 -24.82
C PRO B 33 3.13 -8.22 -24.47
N VAL B 34 3.57 -8.20 -23.21
CA VAL B 34 4.68 -9.05 -22.69
C VAL B 34 4.20 -9.72 -21.39
N ILE B 35 3.87 -11.02 -21.45
CA ILE B 35 3.31 -11.78 -20.30
C ILE B 35 4.45 -12.30 -19.42
N ILE B 36 4.45 -11.90 -18.14
CA ILE B 36 5.28 -12.52 -17.07
C ILE B 36 4.32 -13.17 -16.08
N THR B 37 4.49 -14.47 -15.80
CA THR B 37 3.65 -15.21 -14.81
C THR B 37 4.44 -15.43 -13.51
N THR B 38 3.73 -15.61 -12.39
CA THR B 38 4.28 -15.84 -11.04
C THR B 38 3.84 -17.20 -10.50
N GLY B 39 2.86 -17.86 -11.15
CA GLY B 39 2.28 -19.14 -10.72
C GLY B 39 2.88 -20.32 -11.47
N LEU B 51 -5.14 -22.31 -23.99
CA LEU B 51 -6.60 -22.31 -24.29
C LEU B 51 -7.04 -20.96 -24.88
N PHE B 52 -6.37 -19.87 -24.50
CA PHE B 52 -6.67 -18.49 -24.98
C PHE B 52 -5.63 -18.03 -26.01
N GLY B 53 -4.49 -18.73 -26.10
CA GLY B 53 -3.36 -18.38 -26.99
C GLY B 53 -2.45 -17.34 -26.34
N LEU B 54 -2.27 -17.44 -25.02
CA LEU B 54 -1.34 -16.58 -24.24
C LEU B 54 0.06 -17.21 -24.31
N ARG B 55 1.05 -16.40 -24.71
CA ARG B 55 2.47 -16.82 -24.86
C ARG B 55 3.32 -16.17 -23.77
N PRO B 56 3.51 -16.80 -22.58
CA PRO B 56 4.39 -16.25 -21.56
C PRO B 56 5.82 -16.07 -22.10
N ARG B 57 6.47 -14.95 -21.79
CA ARG B 57 7.91 -14.70 -22.12
C ARG B 57 8.77 -15.15 -20.95
N HIS B 58 8.27 -15.00 -19.71
CA HIS B 58 8.94 -15.45 -18.47
C HIS B 58 7.92 -16.12 -17.53
N ASN B 59 8.26 -17.29 -17.00
CA ASN B 59 7.46 -18.06 -16.01
C ASN B 59 8.30 -18.23 -14.74
N LEU B 60 8.03 -17.42 -13.72
CA LEU B 60 8.66 -17.53 -12.38
C LEU B 60 7.80 -18.50 -11.54
N ASP B 61 8.26 -19.73 -11.30
CA ASP B 61 7.49 -20.72 -10.50
C ASP B 61 7.61 -20.34 -9.02
N ILE B 62 7.03 -19.20 -8.63
CA ILE B 62 7.07 -18.66 -7.24
C ILE B 62 5.98 -19.34 -6.41
N MET B 63 4.73 -19.25 -6.86
CA MET B 63 3.54 -19.65 -6.07
C MET B 63 3.51 -21.16 -5.90
N ARG B 64 3.06 -21.62 -4.73
CA ARG B 64 2.84 -23.06 -4.39
C ARG B 64 1.56 -23.14 -3.54
N PRO B 65 0.95 -24.34 -3.38
CA PRO B 65 -0.13 -24.50 -2.40
C PRO B 65 0.40 -24.44 -0.96
N GLY B 66 -0.31 -23.71 -0.09
CA GLY B 66 -0.03 -23.60 1.36
C GLY B 66 1.30 -22.93 1.66
N GLN B 67 1.80 -22.08 0.77
CA GLN B 67 3.02 -21.26 1.01
C GLN B 67 2.62 -20.00 1.79
N ARG B 68 3.48 -19.53 2.70
CA ARG B 68 3.28 -18.27 3.46
C ARG B 68 3.16 -17.10 2.48
N LEU B 69 2.13 -16.27 2.68
CA LEU B 69 1.88 -15.04 1.89
C LEU B 69 3.18 -14.23 1.83
N SER B 70 3.84 -14.04 2.97
CA SER B 70 5.10 -13.25 3.11
C SER B 70 6.19 -13.82 2.20
N ALA B 71 6.23 -15.14 2.04
CA ALA B 71 7.23 -15.84 1.18
C ALA B 71 6.94 -15.54 -0.29
N MET B 72 5.67 -15.63 -0.68
CA MET B 72 5.19 -15.32 -2.07
C MET B 72 5.50 -13.86 -2.42
N ALA B 73 5.08 -12.92 -1.57
CA ALA B 73 5.25 -11.47 -1.77
C ALA B 73 6.74 -11.13 -1.92
N SER B 74 7.58 -11.71 -1.05
CA SER B 74 9.05 -11.50 -1.02
C SER B 74 9.70 -11.92 -2.35
N ARG B 75 9.38 -13.12 -2.84
CA ARG B 75 9.93 -13.67 -4.11
C ARG B 75 9.49 -12.78 -5.29
N ILE B 76 8.21 -12.41 -5.37
CA ILE B 76 7.64 -11.58 -6.48
C ILE B 76 8.28 -10.18 -6.42
N VAL B 77 8.31 -9.55 -5.24
CA VAL B 77 8.89 -8.20 -5.05
C VAL B 77 10.38 -8.23 -5.42
N GLY B 78 11.07 -9.35 -5.14
CA GLY B 78 12.52 -9.51 -5.34
C GLY B 78 12.91 -9.79 -6.78
N GLU B 79 12.06 -10.50 -7.54
CA GLU B 79 12.46 -11.20 -8.80
C GLU B 79 11.77 -10.65 -10.06
N LEU B 80 10.69 -9.86 -9.94
CA LEU B 80 9.88 -9.45 -11.13
C LEU B 80 10.53 -8.25 -11.84
N GLY B 81 11.28 -7.40 -11.12
CA GLY B 81 11.91 -6.19 -11.67
C GLY B 81 12.76 -6.47 -12.89
N ASP B 82 13.72 -7.39 -12.75
CA ASP B 82 14.75 -7.73 -13.77
C ASP B 82 14.10 -8.08 -15.11
N PRO B 83 13.19 -9.07 -15.17
CA PRO B 83 12.48 -9.36 -16.42
C PRO B 83 11.68 -8.17 -16.99
N LEU B 84 11.10 -7.31 -16.15
CA LEU B 84 10.35 -6.12 -16.61
C LEU B 84 11.31 -5.16 -17.31
N LEU B 85 12.54 -5.02 -16.80
CA LEU B 85 13.59 -4.12 -17.33
C LEU B 85 14.20 -4.74 -18.61
N ASP B 86 14.55 -6.03 -18.56
CA ASP B 86 15.12 -6.79 -19.71
C ASP B 86 14.18 -6.68 -20.91
N GLU B 87 12.87 -6.75 -20.70
CA GLU B 87 11.84 -6.74 -21.76
C GLU B 87 11.40 -5.32 -22.07
N LEU B 88 12.06 -4.32 -21.46
CA LEU B 88 11.86 -2.87 -21.75
C LEU B 88 10.38 -2.51 -21.61
N VAL B 89 9.69 -3.06 -20.60
CA VAL B 89 8.25 -2.79 -20.35
C VAL B 89 8.07 -1.32 -20.01
N ASP B 90 7.10 -0.66 -20.63
CA ASP B 90 6.78 0.79 -20.44
C ASP B 90 5.70 0.92 -19.36
N VAL B 91 4.69 0.04 -19.39
CA VAL B 91 3.57 -0.01 -18.41
C VAL B 91 3.33 -1.47 -18.01
N ALA B 92 3.04 -1.72 -16.73
CA ALA B 92 2.64 -3.04 -16.17
C ALA B 92 1.14 -3.01 -15.85
N VAL B 93 0.39 -3.99 -16.38
CA VAL B 93 -1.05 -4.25 -16.05
C VAL B 93 -1.10 -5.41 -15.05
N VAL B 94 -1.83 -5.21 -13.95
CA VAL B 94 -2.20 -6.29 -12.98
C VAL B 94 -3.73 -6.35 -12.89
N GLN B 95 -4.27 -7.46 -12.38
CA GLN B 95 -5.73 -7.73 -12.37
C GLN B 95 -6.21 -8.05 -10.96
N GLY B 96 -7.39 -7.55 -10.58
CA GLY B 96 -8.18 -8.03 -9.43
C GLY B 96 -7.52 -7.72 -8.10
N ASP B 97 -7.64 -8.66 -7.15
CA ASP B 97 -7.37 -8.42 -5.71
C ASP B 97 -6.31 -9.40 -5.21
N THR B 98 -5.57 -10.03 -6.11
CA THR B 98 -4.60 -11.12 -5.80
C THR B 98 -3.36 -10.52 -5.14
N SER B 99 -2.60 -11.35 -4.46
CA SER B 99 -1.32 -10.98 -3.81
C SER B 99 -0.24 -10.80 -4.89
N THR B 100 -0.37 -11.53 -6.00
CA THR B 100 0.44 -11.35 -7.24
C THR B 100 0.29 -9.90 -7.71
N ALA B 101 -0.94 -9.48 -8.00
CA ALA B 101 -1.29 -8.14 -8.52
C ALA B 101 -0.67 -7.04 -7.64
N PHE B 102 -0.72 -7.20 -6.31
CA PHE B 102 -0.13 -6.20 -5.37
C PHE B 102 1.40 -6.26 -5.45
N ALA B 103 1.98 -7.46 -5.31
CA ALA B 103 3.45 -7.66 -5.26
C ALA B 103 4.07 -7.21 -6.59
N ALA B 104 3.42 -7.56 -7.71
CA ALA B 104 3.81 -7.19 -9.09
C ALA B 104 3.82 -5.66 -9.22
N ALA B 105 2.74 -4.99 -8.78
CA ALA B 105 2.59 -3.52 -8.83
C ALA B 105 3.70 -2.83 -8.03
N TYR B 106 4.02 -3.30 -6.82
CA TYR B 106 5.11 -2.72 -6.00
C TYR B 106 6.45 -2.89 -6.74
N ALA B 107 6.68 -4.07 -7.34
CA ALA B 107 7.92 -4.42 -8.08
C ALA B 107 8.10 -3.45 -9.26
N ALA B 108 7.04 -3.28 -10.05
CA ALA B 108 6.98 -2.32 -11.18
C ALA B 108 7.30 -0.91 -10.68
N ALA B 109 6.70 -0.49 -9.56
CA ALA B 109 6.83 0.90 -9.04
C ALA B 109 8.27 1.15 -8.58
N CYS B 110 8.96 0.12 -8.06
CA CYS B 110 10.38 0.21 -7.62
C CYS B 110 11.29 0.58 -8.80
N GLU B 111 10.96 0.10 -10.02
CA GLU B 111 11.72 0.36 -11.26
C GLU B 111 11.12 1.56 -12.01
N ARG B 112 10.21 2.30 -11.36
CA ARG B 112 9.56 3.54 -11.86
C ARG B 112 8.71 3.21 -13.11
N ILE B 113 8.21 1.99 -13.23
CA ILE B 113 7.30 1.56 -14.33
C ILE B 113 5.86 1.84 -13.92
N PRO B 114 5.10 2.67 -14.66
CA PRO B 114 3.70 2.93 -14.34
C PRO B 114 2.85 1.64 -14.34
N VAL B 115 1.86 1.56 -13.45
CA VAL B 115 0.95 0.39 -13.29
C VAL B 115 -0.48 0.78 -13.70
N ALA B 116 -1.11 -0.04 -14.52
CA ALA B 116 -2.57 0.02 -14.82
C ALA B 116 -3.26 -1.17 -14.11
N HIS B 117 -4.44 -0.96 -13.56
CA HIS B 117 -5.18 -1.96 -12.75
C HIS B 117 -6.50 -2.34 -13.46
N LEU B 118 -6.60 -3.59 -13.92
CA LEU B 118 -7.85 -4.16 -14.51
C LEU B 118 -8.76 -4.63 -13.38
N GLU B 119 -10.04 -4.25 -13.45
CA GLU B 119 -11.10 -4.51 -12.43
C GLU B 119 -10.70 -3.84 -11.12
N ALA B 120 -10.78 -2.50 -11.09
CA ALA B 120 -10.37 -1.64 -9.97
C ALA B 120 -11.61 -1.05 -9.31
N GLY B 121 -11.64 -0.97 -7.98
CA GLY B 121 -12.63 -0.16 -7.22
C GLY B 121 -13.69 -1.00 -6.50
N LEU B 122 -13.68 -2.32 -6.63
CA LEU B 122 -14.62 -3.20 -5.86
C LEU B 122 -14.28 -3.14 -4.38
N ARG B 123 -15.26 -2.84 -3.53
CA ARG B 123 -15.11 -2.72 -2.06
C ARG B 123 -16.31 -3.41 -1.39
N THR B 124 -16.06 -4.38 -0.50
CA THR B 124 -17.11 -5.06 0.31
C THR B 124 -17.52 -4.15 1.49
N GLY B 125 -16.64 -3.21 1.88
CA GLY B 125 -16.82 -2.33 3.06
C GLY B 125 -16.62 -3.11 4.35
N ASP B 126 -15.86 -4.21 4.29
CA ASP B 126 -15.63 -5.16 5.41
C ASP B 126 -14.12 -5.42 5.52
N ARG B 127 -13.43 -4.61 6.32
CA ARG B 127 -11.95 -4.63 6.51
C ARG B 127 -11.46 -6.06 6.76
N PHE B 128 -10.41 -6.48 6.06
CA PHE B 128 -9.70 -7.79 6.22
C PHE B 128 -10.68 -8.96 6.05
N GLU B 129 -11.74 -8.75 5.25
CA GLU B 129 -12.74 -9.81 4.91
C GLU B 129 -13.15 -9.63 3.45
N PRO B 130 -12.67 -10.47 2.51
CA PRO B 130 -11.74 -11.55 2.82
C PRO B 130 -10.28 -11.07 2.96
N PHE B 131 -9.43 -11.93 3.52
CA PHE B 131 -7.98 -11.69 3.74
C PHE B 131 -7.16 -12.59 2.81
N PRO B 132 -6.16 -12.07 2.06
CA PRO B 132 -5.78 -10.65 2.07
C PRO B 132 -6.37 -9.79 0.94
N GLU B 133 -7.45 -10.26 0.30
CA GLU B 133 -8.02 -9.64 -0.93
C GLU B 133 -8.36 -8.17 -0.65
N GLU B 134 -8.92 -7.87 0.52
CA GLU B 134 -9.49 -6.53 0.82
C GLU B 134 -8.37 -5.48 0.94
N ILE B 135 -7.26 -5.83 1.60
CA ILE B 135 -6.10 -4.90 1.79
C ILE B 135 -5.36 -4.76 0.45
N ASN B 136 -5.21 -5.87 -0.29
CA ASN B 136 -4.57 -5.91 -1.63
C ASN B 136 -5.21 -4.87 -2.55
N ARG B 137 -6.54 -4.86 -2.63
CA ARG B 137 -7.32 -3.91 -3.47
C ARG B 137 -6.88 -2.47 -3.15
N ARG B 138 -6.74 -2.14 -1.87
CA ARG B 138 -6.46 -0.77 -1.41
C ARG B 138 -4.98 -0.44 -1.66
N LEU B 139 -4.09 -1.43 -1.52
CA LEU B 139 -2.65 -1.23 -1.80
C LEU B 139 -2.45 -0.99 -3.30
N ILE B 140 -3.02 -1.85 -4.15
CA ILE B 140 -2.91 -1.77 -5.63
C ILE B 140 -3.43 -0.39 -6.08
N THR B 141 -4.52 0.07 -5.47
CA THR B 141 -5.18 1.37 -5.79
C THR B 141 -4.20 2.52 -5.55
N GLN B 142 -3.34 2.43 -4.54
CA GLN B 142 -2.35 3.51 -4.23
C GLN B 142 -1.19 3.45 -5.22
N LEU B 143 -0.88 2.26 -5.76
CA LEU B 143 0.31 2.05 -6.62
C LEU B 143 0.00 2.39 -8.08
N ALA B 144 -1.24 2.19 -8.51
CA ALA B 144 -1.66 2.25 -9.93
C ALA B 144 -1.77 3.71 -10.39
N ASP B 145 -1.28 3.99 -11.60
CA ASP B 145 -1.41 5.32 -12.26
C ASP B 145 -2.76 5.36 -12.99
N LEU B 146 -3.16 4.23 -13.57
CA LEU B 146 -4.39 4.07 -14.39
C LEU B 146 -5.29 3.02 -13.73
N HIS B 147 -6.60 3.29 -13.64
CA HIS B 147 -7.61 2.40 -12.99
C HIS B 147 -8.72 2.05 -13.98
N PHE B 148 -8.81 0.77 -14.36
CA PHE B 148 -9.91 0.22 -15.19
C PHE B 148 -11.02 -0.32 -14.28
N ALA B 149 -11.98 0.55 -13.94
CA ALA B 149 -13.14 0.24 -13.08
C ALA B 149 -14.20 -0.45 -13.94
N PRO B 150 -14.85 -1.53 -13.43
CA PRO B 150 -15.88 -2.24 -14.19
C PRO B 150 -17.25 -1.54 -14.19
N THR B 151 -17.49 -0.63 -13.26
CA THR B 151 -18.78 0.07 -13.05
C THR B 151 -18.54 1.47 -12.49
N ALA B 152 -19.58 2.32 -12.56
CA ALA B 152 -19.59 3.70 -12.03
C ALA B 152 -19.36 3.68 -10.52
N ASP B 153 -19.96 2.72 -9.82
CA ASP B 153 -19.87 2.55 -8.34
C ASP B 153 -18.41 2.28 -7.93
N ALA B 154 -17.73 1.39 -8.67
CA ALA B 154 -16.30 1.06 -8.45
C ALA B 154 -15.45 2.33 -8.59
N ALA B 155 -15.66 3.09 -9.67
CA ALA B 155 -15.00 4.39 -9.93
C ALA B 155 -15.19 5.31 -8.72
N GLY B 156 -16.42 5.41 -8.21
CA GLY B 156 -16.75 6.18 -7.00
C GLY B 156 -15.90 5.79 -5.80
N ASN B 157 -15.62 4.50 -5.63
CA ASN B 157 -14.85 3.96 -4.46
C ASN B 157 -13.40 4.41 -4.54
N LEU B 158 -12.86 4.55 -5.77
CA LEU B 158 -11.46 4.97 -5.99
C LEU B 158 -11.29 6.43 -5.59
N LEU B 159 -12.30 7.27 -5.84
CA LEU B 159 -12.28 8.72 -5.51
C LEU B 159 -12.25 8.91 -3.99
N ALA B 160 -13.01 8.11 -3.23
CA ALA B 160 -13.08 8.13 -1.75
C ALA B 160 -11.71 7.80 -1.14
N GLU B 161 -10.82 7.13 -1.90
CA GLU B 161 -9.46 6.75 -1.43
C GLU B 161 -8.39 7.67 -2.03
N GLY B 162 -8.79 8.82 -2.59
CA GLY B 162 -7.89 9.92 -2.99
C GLY B 162 -7.38 9.81 -4.43
N VAL B 163 -7.94 8.91 -5.23
CA VAL B 163 -7.54 8.77 -6.66
C VAL B 163 -8.09 9.98 -7.43
N ARG B 164 -7.28 10.56 -8.32
CA ARG B 164 -7.65 11.64 -9.26
C ARG B 164 -8.61 11.09 -10.33
N SER B 165 -9.67 11.85 -10.63
CA SER B 165 -10.72 11.48 -11.62
C SER B 165 -10.11 11.16 -12.98
N ASP B 166 -9.03 11.87 -13.34
CA ASP B 166 -8.26 11.75 -14.60
C ASP B 166 -7.69 10.34 -14.78
N ASP B 167 -7.47 9.63 -13.67
CA ASP B 167 -6.78 8.32 -13.67
C ASP B 167 -7.80 7.17 -13.71
N VAL B 168 -9.09 7.48 -13.56
CA VAL B 168 -10.17 6.44 -13.47
C VAL B 168 -10.99 6.40 -14.77
N TYR B 169 -11.04 5.23 -15.41
CA TYR B 169 -11.89 4.93 -16.59
C TYR B 169 -12.87 3.80 -16.24
N VAL B 170 -14.16 4.05 -16.44
CA VAL B 170 -15.19 2.97 -16.47
C VAL B 170 -15.02 2.20 -17.77
N THR B 171 -14.28 1.09 -17.71
CA THR B 171 -13.90 0.22 -18.85
C THR B 171 -14.92 -0.92 -19.01
N GLY B 172 -15.63 -1.29 -17.94
CA GLY B 172 -16.46 -2.50 -17.89
C GLY B 172 -15.64 -3.73 -17.54
N ASN B 173 -16.19 -4.92 -17.82
CA ASN B 173 -15.68 -6.22 -17.31
C ASN B 173 -15.38 -7.12 -18.51
N THR B 174 -14.17 -7.70 -18.55
CA THR B 174 -13.64 -8.49 -19.69
C THR B 174 -14.16 -9.94 -19.64
N VAL B 175 -14.74 -10.34 -18.51
CA VAL B 175 -15.03 -11.77 -18.20
C VAL B 175 -16.04 -12.32 -19.22
N ILE B 176 -17.08 -11.55 -19.59
CA ILE B 176 -18.10 -11.97 -20.59
C ILE B 176 -17.42 -12.33 -21.92
N ASP B 177 -16.41 -11.57 -22.32
CA ASP B 177 -15.68 -11.73 -23.60
C ASP B 177 -14.81 -12.98 -23.53
N ALA B 178 -14.17 -13.19 -22.38
CA ALA B 178 -13.26 -14.34 -22.11
C ALA B 178 -14.04 -15.66 -22.15
N MET B 179 -15.30 -15.65 -21.71
CA MET B 179 -16.15 -16.87 -21.61
C MET B 179 -16.62 -17.29 -22.99
N HIS B 180 -16.97 -16.32 -23.84
CA HIS B 180 -17.46 -16.53 -25.23
C HIS B 180 -16.37 -17.25 -26.05
N LEU B 181 -15.10 -16.92 -25.83
CA LEU B 181 -13.92 -17.56 -26.50
C LEU B 181 -14.04 -19.08 -26.41
N ARG B 192 -18.96 -35.62 -22.51
CA ARG B 192 -19.22 -36.94 -23.17
C ARG B 192 -20.26 -37.72 -22.37
N GLU B 193 -19.94 -38.06 -21.11
CA GLU B 193 -20.80 -38.86 -20.20
C GLU B 193 -21.77 -37.93 -19.44
N LEU B 194 -21.33 -36.71 -19.10
CA LEU B 194 -22.19 -35.66 -18.49
C LEU B 194 -22.91 -34.89 -19.61
N ASP B 195 -22.52 -35.08 -20.87
CA ASP B 195 -23.25 -34.59 -22.08
C ASP B 195 -24.52 -35.43 -22.26
N ALA B 196 -24.39 -36.76 -22.16
CA ALA B 196 -25.52 -37.73 -22.21
C ALA B 196 -26.52 -37.43 -21.07
N PHE B 197 -25.99 -37.23 -19.86
CA PHE B 197 -26.76 -37.01 -18.61
C PHE B 197 -27.65 -35.76 -18.70
N THR B 198 -27.14 -34.70 -19.32
CA THR B 198 -27.74 -33.34 -19.29
C THR B 198 -28.65 -33.10 -20.52
N GLU B 199 -28.37 -33.77 -21.65
CA GLU B 199 -29.01 -33.51 -22.97
C GLU B 199 -30.53 -33.77 -22.86
N GLY B 200 -31.33 -32.79 -23.27
CA GLY B 200 -32.81 -32.85 -23.31
C GLY B 200 -33.46 -32.48 -21.99
N ARG B 201 -32.67 -32.31 -20.93
CA ARG B 201 -33.18 -32.09 -19.54
C ARG B 201 -32.83 -30.67 -19.10
N GLN B 202 -33.64 -30.11 -18.20
CA GLN B 202 -33.28 -28.94 -17.35
C GLN B 202 -32.31 -29.41 -16.26
N THR B 203 -31.06 -28.94 -16.33
CA THR B 203 -29.93 -29.30 -15.44
C THR B 203 -29.59 -28.15 -14.50
N VAL B 204 -29.55 -28.40 -13.19
CA VAL B 204 -29.06 -27.45 -12.14
C VAL B 204 -27.58 -27.75 -11.90
N LEU B 205 -26.72 -26.73 -11.97
CA LEU B 205 -25.30 -26.82 -11.53
C LEU B 205 -25.20 -26.38 -10.06
N LEU B 206 -24.64 -27.24 -9.20
CA LEU B 206 -24.49 -26.99 -7.75
C LEU B 206 -23.00 -27.16 -7.39
N THR B 207 -22.31 -26.06 -7.08
CA THR B 207 -20.90 -26.05 -6.59
C THR B 207 -20.89 -25.57 -5.14
N MET B 208 -20.27 -26.35 -4.24
CA MET B 208 -20.27 -26.10 -2.78
C MET B 208 -18.92 -26.51 -2.20
N HIS B 209 -18.16 -25.58 -1.64
CA HIS B 209 -16.73 -25.76 -1.24
C HIS B 209 -16.40 -25.15 0.14
N ARG B 210 -17.11 -24.10 0.56
CA ARG B 210 -16.72 -23.29 1.75
C ARG B 210 -16.70 -24.15 3.01
N ARG B 211 -15.77 -23.83 3.92
CA ARG B 211 -15.48 -24.57 5.18
C ARG B 211 -16.68 -24.50 6.12
N GLU B 212 -17.34 -23.33 6.23
CA GLU B 212 -18.51 -23.12 7.13
C GLU B 212 -19.71 -23.95 6.64
N SER B 213 -19.68 -24.37 5.36
CA SER B 213 -20.72 -25.19 4.70
C SER B 213 -20.53 -26.68 5.00
N TRP B 214 -19.36 -27.12 5.50
CA TRP B 214 -18.99 -28.55 5.65
C TRP B 214 -19.88 -29.25 6.69
N GLY B 215 -20.19 -30.52 6.47
CA GLY B 215 -20.99 -31.39 7.35
C GLY B 215 -22.49 -31.13 7.22
N ILE B 216 -23.10 -30.65 8.29
CA ILE B 216 -24.59 -30.56 8.49
C ILE B 216 -25.22 -29.70 7.39
N PRO B 217 -24.69 -28.50 7.06
CA PRO B 217 -25.31 -27.64 6.05
C PRO B 217 -25.34 -28.28 4.65
N MET B 218 -24.29 -29.01 4.28
CA MET B 218 -24.20 -29.78 3.02
C MET B 218 -25.30 -30.84 2.95
N GLY B 219 -25.57 -31.52 4.08
CA GLY B 219 -26.70 -32.45 4.25
C GLY B 219 -28.04 -31.76 4.01
N ARG B 220 -28.21 -30.55 4.56
CA ARG B 220 -29.43 -29.72 4.38
C ARG B 220 -29.60 -29.43 2.89
N VAL B 221 -28.52 -29.08 2.18
CA VAL B 221 -28.55 -28.82 0.71
C VAL B 221 -28.86 -30.14 -0.01
N ALA B 222 -28.27 -31.23 0.46
CA ALA B 222 -28.47 -32.59 -0.10
C ALA B 222 -29.96 -32.97 -0.02
N ALA B 223 -30.62 -32.65 1.09
CA ALA B 223 -32.05 -32.96 1.35
C ALA B 223 -32.94 -32.15 0.40
N ALA B 224 -32.61 -30.88 0.17
CA ALA B 224 -33.33 -29.98 -0.77
C ALA B 224 -33.30 -30.58 -2.18
N VAL B 225 -32.12 -31.06 -2.59
CA VAL B 225 -31.93 -31.69 -3.93
C VAL B 225 -32.82 -32.93 -4.02
N ALA B 226 -32.82 -33.77 -2.99
CA ALA B 226 -33.67 -34.99 -2.87
C ALA B 226 -35.14 -34.61 -3.03
N GLU B 227 -35.63 -33.64 -2.26
CA GLU B 227 -37.04 -33.15 -2.30
C GLU B 227 -37.40 -32.75 -3.74
N LEU B 228 -36.62 -31.84 -4.33
CA LEU B 228 -36.81 -31.31 -5.71
C LEU B 228 -36.84 -32.45 -6.72
N CYS B 229 -35.91 -33.40 -6.59
CA CYS B 229 -35.78 -34.60 -7.47
C CYS B 229 -37.04 -35.47 -7.36
N ARG B 230 -37.63 -35.57 -6.17
CA ARG B 230 -38.82 -36.42 -5.89
C ARG B 230 -40.07 -35.76 -6.49
N SER B 231 -40.16 -34.43 -6.40
CA SER B 231 -41.30 -33.61 -6.90
C SER B 231 -41.23 -33.45 -8.42
N ARG B 232 -40.01 -33.33 -8.99
CA ARG B 232 -39.79 -33.01 -10.42
C ARG B 232 -38.94 -34.10 -11.07
N PRO B 233 -39.57 -35.18 -11.56
CA PRO B 233 -38.83 -36.27 -12.21
C PRO B 233 -38.04 -35.87 -13.47
N THR B 234 -38.44 -34.78 -14.13
CA THR B 234 -37.81 -34.27 -15.38
C THR B 234 -36.52 -33.48 -15.04
N LEU B 235 -36.34 -33.07 -13.78
CA LEU B 235 -35.21 -32.22 -13.33
C LEU B 235 -33.95 -33.07 -13.13
N ARG B 236 -32.78 -32.52 -13.47
CA ARG B 236 -31.45 -33.14 -13.23
C ARG B 236 -30.55 -32.15 -12.48
N PHE B 237 -29.58 -32.68 -11.72
CA PHE B 237 -28.51 -31.92 -10.99
C PHE B 237 -27.14 -32.50 -11.36
N VAL B 238 -26.17 -31.63 -11.63
CA VAL B 238 -24.72 -31.96 -11.66
C VAL B 238 -24.06 -31.27 -10.46
N ILE B 239 -23.28 -32.03 -9.68
CA ILE B 239 -22.60 -31.58 -8.43
C ILE B 239 -21.14 -32.01 -8.48
N PRO B 240 -20.21 -31.13 -8.89
CA PRO B 240 -18.78 -31.41 -8.77
C PRO B 240 -18.36 -31.51 -7.29
N LEU B 241 -17.72 -32.62 -6.93
CA LEU B 241 -17.29 -32.92 -5.54
C LEU B 241 -15.98 -32.19 -5.24
N HIS B 242 -15.86 -31.59 -4.05
CA HIS B 242 -14.63 -30.92 -3.54
C HIS B 242 -13.59 -32.00 -3.22
N PRO B 243 -12.27 -31.74 -3.39
CA PRO B 243 -11.23 -32.69 -2.99
C PRO B 243 -11.08 -33.00 -1.49
N ASN B 244 -12.00 -32.49 -0.66
CA ASN B 244 -12.05 -32.74 0.80
C ASN B 244 -12.98 -33.92 1.08
N PRO B 245 -12.47 -35.05 1.66
CA PRO B 245 -13.30 -36.26 1.84
C PRO B 245 -14.54 -36.05 2.71
N GLU B 246 -14.47 -35.17 3.72
CA GLU B 246 -15.60 -34.83 4.63
C GLU B 246 -16.76 -34.23 3.84
N VAL B 247 -16.46 -33.54 2.73
CA VAL B 247 -17.47 -32.93 1.80
C VAL B 247 -18.10 -34.04 0.95
N ARG B 248 -17.27 -34.92 0.37
CA ARG B 248 -17.69 -36.05 -0.50
C ARG B 248 -18.59 -37.03 0.28
N ARG B 249 -18.33 -37.20 1.58
CA ARG B 249 -19.01 -38.19 2.45
C ARG B 249 -20.50 -37.85 2.55
N VAL B 250 -20.82 -36.57 2.79
CA VAL B 250 -22.22 -36.09 3.02
C VAL B 250 -23.01 -36.31 1.73
N PHE B 251 -22.55 -35.70 0.63
CA PHE B 251 -23.18 -35.76 -0.72
C PHE B 251 -23.38 -37.22 -1.16
N ARG B 252 -22.37 -38.07 -0.98
CA ARG B 252 -22.43 -39.52 -1.31
C ARG B 252 -23.59 -40.18 -0.54
N SER B 253 -23.59 -40.04 0.80
CA SER B 253 -24.58 -40.67 1.72
C SER B 253 -26.01 -40.26 1.34
N HIS B 254 -26.20 -39.04 0.84
CA HIS B 254 -27.53 -38.47 0.51
C HIS B 254 -27.90 -38.70 -0.95
N LEU B 255 -26.97 -38.56 -1.90
CA LEU B 255 -27.31 -38.31 -3.35
C LEU B 255 -26.79 -39.39 -4.29
N SER B 256 -25.92 -40.31 -3.87
CA SER B 256 -25.30 -41.35 -4.76
C SER B 256 -26.38 -42.28 -5.34
N SER B 257 -27.48 -42.51 -4.60
CA SER B 257 -28.58 -43.43 -4.94
C SER B 257 -29.59 -42.79 -5.91
N LEU B 258 -29.53 -41.47 -6.11
CA LEU B 258 -30.49 -40.73 -6.98
C LEU B 258 -29.99 -40.77 -8.44
N THR B 259 -30.87 -41.18 -9.36
CA THR B 259 -30.58 -41.31 -10.82
C THR B 259 -30.50 -39.91 -11.44
N GLN B 260 -31.23 -38.95 -10.85
CA GLN B 260 -31.40 -37.55 -11.35
C GLN B 260 -30.23 -36.66 -10.90
N VAL B 261 -29.24 -37.21 -10.19
CA VAL B 261 -28.07 -36.46 -9.64
C VAL B 261 -26.79 -37.14 -10.17
N LEU B 262 -25.96 -36.39 -10.88
CA LEU B 262 -24.58 -36.79 -11.28
C LEU B 262 -23.62 -36.11 -10.31
N LEU B 263 -22.90 -36.90 -9.49
CA LEU B 263 -21.73 -36.45 -8.69
C LEU B 263 -20.48 -36.72 -9.53
N CYS B 264 -19.76 -35.68 -9.94
CA CYS B 264 -18.55 -35.78 -10.81
C CYS B 264 -17.31 -35.22 -10.09
N GLU B 265 -16.14 -35.46 -10.65
CA GLU B 265 -14.84 -34.90 -10.14
C GLU B 265 -14.81 -33.42 -10.46
N PRO B 266 -13.90 -32.63 -9.86
CA PRO B 266 -13.68 -31.25 -10.27
C PRO B 266 -13.51 -31.17 -11.81
N LEU B 267 -14.15 -30.19 -12.43
CA LEU B 267 -14.17 -29.98 -13.90
C LEU B 267 -12.98 -29.12 -14.33
N ARG B 268 -12.47 -29.38 -15.53
CA ARG B 268 -11.59 -28.45 -16.31
C ARG B 268 -12.41 -27.21 -16.66
N TYR B 269 -11.78 -26.05 -16.86
CA TYR B 269 -12.46 -24.73 -17.03
C TYR B 269 -13.39 -24.77 -18.25
N SER B 270 -12.96 -25.36 -19.37
CA SER B 270 -13.73 -25.40 -20.64
C SER B 270 -15.04 -26.17 -20.43
N GLU B 271 -14.95 -27.37 -19.85
CA GLU B 271 -16.13 -28.26 -19.55
C GLU B 271 -17.03 -27.56 -18.53
N PHE B 272 -16.45 -26.89 -17.53
CA PHE B 272 -17.18 -26.18 -16.44
C PHE B 272 -18.07 -25.08 -17.03
N ILE B 273 -17.52 -24.23 -17.89
CA ILE B 273 -18.23 -23.06 -18.52
C ILE B 273 -19.28 -23.57 -19.51
N ARG B 274 -18.94 -24.64 -20.23
CA ARG B 274 -19.84 -25.36 -21.16
C ARG B 274 -21.06 -25.87 -20.39
N LEU B 275 -20.82 -26.51 -19.25
CA LEU B 275 -21.87 -27.07 -18.35
C LEU B 275 -22.73 -25.92 -17.81
N MET B 276 -22.10 -24.86 -17.32
CA MET B 276 -22.77 -23.65 -16.77
C MET B 276 -23.64 -23.00 -17.86
N HIS B 277 -23.23 -23.09 -19.13
CA HIS B 277 -23.98 -22.51 -20.28
C HIS B 277 -25.22 -23.36 -20.56
N ARG B 278 -25.11 -24.68 -20.40
CA ARG B 278 -26.21 -25.67 -20.64
C ARG B 278 -27.23 -25.62 -19.49
N ALA B 279 -26.76 -25.39 -18.26
CA ALA B 279 -27.58 -25.39 -17.02
C ALA B 279 -28.72 -24.38 -17.15
N VAL B 280 -29.82 -24.62 -16.42
CA VAL B 280 -31.01 -23.72 -16.38
C VAL B 280 -30.84 -22.73 -15.22
N LEU B 281 -30.21 -23.15 -14.13
CA LEU B 281 -29.79 -22.25 -13.04
C LEU B 281 -28.63 -22.86 -12.26
N VAL B 282 -28.02 -22.04 -11.40
CA VAL B 282 -26.73 -22.33 -10.72
C VAL B 282 -26.94 -22.14 -9.22
N LEU B 283 -26.58 -23.15 -8.42
CA LEU B 283 -26.50 -23.07 -6.94
C LEU B 283 -25.02 -23.10 -6.58
N THR B 284 -24.53 -22.12 -5.84
CA THR B 284 -23.07 -21.98 -5.58
C THR B 284 -22.85 -21.24 -4.25
N ASP B 285 -21.72 -21.52 -3.61
CA ASP B 285 -21.17 -20.68 -2.51
C ASP B 285 -19.86 -20.04 -2.98
N SER B 286 -19.60 -20.05 -4.29
CA SER B 286 -18.39 -19.44 -4.91
C SER B 286 -18.68 -18.01 -5.36
N GLY B 287 -17.85 -17.06 -4.91
CA GLY B 287 -17.87 -15.65 -5.35
C GLY B 287 -17.62 -15.53 -6.85
N GLY B 288 -16.68 -16.32 -7.38
CA GLY B 288 -16.36 -16.38 -8.82
C GLY B 288 -17.58 -16.76 -9.65
N VAL B 289 -18.28 -17.83 -9.24
CA VAL B 289 -19.46 -18.37 -9.96
C VAL B 289 -20.63 -17.37 -9.83
N GLN B 290 -20.74 -16.65 -8.72
CA GLN B 290 -21.79 -15.61 -8.52
C GLN B 290 -21.63 -14.51 -9.58
N GLU B 291 -20.40 -14.30 -10.07
CA GLU B 291 -20.08 -13.34 -11.16
C GLU B 291 -20.34 -14.00 -12.52
N GLU B 292 -19.75 -15.17 -12.75
CA GLU B 292 -19.72 -15.84 -14.08
C GLU B 292 -21.14 -16.22 -14.54
N ALA B 293 -21.94 -16.82 -13.67
CA ALA B 293 -23.25 -17.42 -14.02
C ALA B 293 -24.22 -16.35 -14.54
N PRO B 294 -24.48 -15.25 -13.81
CA PRO B 294 -25.36 -14.20 -14.28
C PRO B 294 -24.87 -13.53 -15.58
N THR B 295 -23.54 -13.51 -15.78
CA THR B 295 -22.87 -12.95 -16.98
C THR B 295 -23.19 -13.82 -18.20
N LEU B 296 -23.45 -15.13 -18.02
CA LEU B 296 -23.92 -16.06 -19.09
C LEU B 296 -25.45 -16.11 -19.11
N GLY B 297 -26.12 -15.30 -18.29
CA GLY B 297 -27.59 -15.23 -18.20
C GLY B 297 -28.18 -16.34 -17.34
N LYS B 298 -27.44 -16.84 -16.35
CA LYS B 298 -27.91 -17.92 -15.45
C LYS B 298 -28.34 -17.31 -14.12
N PRO B 299 -29.63 -17.45 -13.73
CA PRO B 299 -30.05 -17.08 -12.37
C PRO B 299 -29.25 -17.89 -11.35
N VAL B 300 -28.85 -17.25 -10.24
CA VAL B 300 -27.95 -17.85 -9.22
C VAL B 300 -28.67 -17.84 -7.87
N LEU B 301 -28.77 -19.00 -7.23
CA LEU B 301 -29.13 -19.13 -5.81
C LEU B 301 -27.82 -19.33 -5.04
N VAL B 302 -27.60 -18.48 -4.03
CA VAL B 302 -26.32 -18.40 -3.27
C VAL B 302 -26.52 -19.20 -2.00
N LEU B 303 -25.72 -20.26 -1.83
CA LEU B 303 -25.81 -21.23 -0.71
C LEU B 303 -25.08 -20.64 0.50
N ARG B 304 -25.52 -19.44 0.91
CA ARG B 304 -24.89 -18.64 1.99
C ARG B 304 -25.92 -17.67 2.56
N ASP B 305 -25.66 -17.19 3.77
CA ASP B 305 -26.47 -16.18 4.49
C ASP B 305 -25.92 -14.78 4.21
N ARG B 306 -24.78 -14.69 3.50
CA ARG B 306 -24.14 -13.41 3.07
C ARG B 306 -23.46 -13.64 1.72
N THR B 307 -22.91 -12.59 1.09
CA THR B 307 -22.14 -12.70 -0.17
C THR B 307 -21.09 -11.58 -0.27
N GLU B 308 -19.99 -11.86 -0.95
CA GLU B 308 -18.98 -10.83 -1.36
C GLU B 308 -19.34 -10.26 -2.74
N ARG B 309 -20.50 -10.62 -3.29
CA ARG B 309 -21.05 -10.08 -4.56
C ARG B 309 -22.47 -9.56 -4.31
N PRO B 310 -22.68 -8.52 -3.47
CA PRO B 310 -24.02 -7.97 -3.21
C PRO B 310 -24.69 -7.28 -4.41
N GLU B 311 -23.92 -6.94 -5.44
CA GLU B 311 -24.44 -6.25 -6.66
C GLU B 311 -25.49 -7.17 -7.31
N GLY B 312 -25.22 -8.47 -7.37
CA GLY B 312 -26.12 -9.48 -7.95
C GLY B 312 -27.45 -9.56 -7.20
N ILE B 313 -27.43 -9.37 -5.88
CA ILE B 313 -28.66 -9.39 -5.03
C ILE B 313 -29.49 -8.14 -5.35
N ALA B 314 -28.83 -7.00 -5.50
CA ALA B 314 -29.48 -5.68 -5.78
C ALA B 314 -30.13 -5.70 -7.18
N ALA B 315 -29.45 -6.27 -8.18
CA ALA B 315 -29.92 -6.34 -9.58
C ALA B 315 -31.02 -7.38 -9.73
N GLY B 316 -31.06 -8.35 -8.80
CA GLY B 316 -32.06 -9.44 -8.75
C GLY B 316 -31.72 -10.60 -9.66
N CYS B 317 -30.44 -10.75 -10.03
CA CYS B 317 -29.92 -11.90 -10.83
C CYS B 317 -29.38 -12.98 -9.91
N ALA B 318 -29.26 -12.67 -8.61
CA ALA B 318 -28.87 -13.60 -7.52
C ALA B 318 -29.82 -13.43 -6.34
N ARG B 319 -29.92 -14.47 -5.50
CA ARG B 319 -30.78 -14.52 -4.29
C ARG B 319 -30.07 -15.34 -3.21
N LEU B 320 -29.94 -14.79 -2.00
CA LEU B 320 -29.45 -15.54 -0.81
C LEU B 320 -30.46 -16.61 -0.43
N VAL B 321 -30.01 -17.86 -0.39
CA VAL B 321 -30.87 -19.03 -0.09
C VAL B 321 -30.30 -19.80 1.11
N GLY B 322 -29.12 -19.43 1.60
CA GLY B 322 -28.41 -20.13 2.68
C GLY B 322 -28.29 -21.61 2.39
N THR B 323 -28.51 -22.44 3.42
CA THR B 323 -28.59 -23.93 3.30
C THR B 323 -29.99 -24.38 3.75
N ASP B 324 -30.98 -23.48 3.72
CA ASP B 324 -32.38 -23.72 4.15
C ASP B 324 -33.11 -24.56 3.11
N PRO B 325 -33.44 -25.84 3.42
CA PRO B 325 -33.96 -26.75 2.39
C PRO B 325 -35.33 -26.32 1.82
N ALA B 326 -36.23 -25.81 2.68
CA ALA B 326 -37.57 -25.32 2.27
C ALA B 326 -37.39 -24.16 1.29
N LEU B 327 -36.48 -23.23 1.57
CA LEU B 327 -36.25 -22.04 0.71
C LEU B 327 -35.65 -22.47 -0.63
N ILE B 328 -34.68 -23.40 -0.60
CA ILE B 328 -34.00 -23.88 -1.85
C ILE B 328 -35.06 -24.48 -2.76
N VAL B 329 -35.88 -25.38 -2.21
CA VAL B 329 -37.02 -26.05 -2.93
C VAL B 329 -37.93 -24.98 -3.54
N LYS B 330 -38.43 -24.08 -2.69
CA LYS B 330 -39.33 -22.95 -3.08
C LYS B 330 -38.67 -22.17 -4.23
N GLU B 331 -37.45 -21.66 -4.00
CA GLU B 331 -36.74 -20.73 -4.93
C GLU B 331 -36.43 -21.42 -6.26
N VAL B 332 -36.01 -22.69 -6.24
CA VAL B 332 -35.72 -23.46 -7.49
C VAL B 332 -37.04 -23.63 -8.23
N GLY B 333 -38.11 -23.96 -7.50
CA GLY B 333 -39.47 -24.17 -8.05
C GLY B 333 -39.94 -22.98 -8.86
N ARG B 334 -40.04 -21.81 -8.22
CA ARG B 334 -40.44 -20.52 -8.84
C ARG B 334 -39.81 -20.38 -10.23
N LEU B 335 -38.49 -20.55 -10.31
CA LEU B 335 -37.68 -20.31 -11.54
C LEU B 335 -37.97 -21.38 -12.61
N LEU B 336 -38.29 -22.61 -12.20
CA LEU B 336 -38.52 -23.73 -13.14
C LEU B 336 -39.94 -23.65 -13.73
N ASP B 337 -40.86 -22.99 -13.03
CA ASP B 337 -42.33 -23.05 -13.30
C ASP B 337 -42.88 -21.71 -13.80
N ASP B 338 -42.25 -20.60 -13.42
CA ASP B 338 -42.68 -19.22 -13.80
C ASP B 338 -41.65 -18.64 -14.77
N PRO B 339 -41.82 -18.77 -16.10
CA PRO B 339 -40.84 -18.23 -17.06
C PRO B 339 -40.66 -16.71 -16.95
N GLU B 340 -41.66 -16.02 -16.41
CA GLU B 340 -41.62 -14.56 -16.07
C GLU B 340 -40.57 -14.33 -14.97
N ALA B 341 -40.65 -15.12 -13.90
CA ALA B 341 -39.72 -15.09 -12.74
C ALA B 341 -38.28 -15.36 -13.19
N TYR B 342 -38.10 -16.33 -14.09
CA TYR B 342 -36.79 -16.76 -14.67
C TYR B 342 -36.14 -15.58 -15.40
N GLU B 343 -36.92 -14.87 -16.22
CA GLU B 343 -36.43 -13.75 -17.06
C GLU B 343 -36.08 -12.55 -16.17
N ALA B 344 -36.85 -12.31 -15.11
CA ALA B 344 -36.64 -11.20 -14.14
C ALA B 344 -35.32 -11.39 -13.37
N MET B 345 -34.75 -12.61 -13.39
CA MET B 345 -33.41 -12.90 -12.80
C MET B 345 -32.36 -13.05 -13.92
N ARG B 346 -32.77 -13.41 -15.14
CA ARG B 346 -31.85 -13.63 -16.29
C ARG B 346 -31.43 -12.28 -16.88
N ARG B 347 -32.38 -11.36 -17.14
CA ARG B 347 -32.16 -10.06 -17.83
C ARG B 347 -31.11 -9.24 -17.08
N PRO B 348 -31.28 -8.92 -15.78
CA PRO B 348 -30.35 -8.05 -15.07
C PRO B 348 -28.93 -8.63 -14.90
N GLY B 349 -28.76 -9.94 -15.12
CA GLY B 349 -27.42 -10.56 -15.32
C GLY B 349 -26.81 -10.09 -16.64
N ILE B 350 -25.63 -10.58 -17.00
CA ILE B 350 -24.97 -10.36 -18.31
C ILE B 350 -24.24 -9.00 -18.32
N VAL B 351 -24.80 -7.95 -17.71
CA VAL B 351 -24.16 -6.61 -17.57
C VAL B 351 -24.30 -6.09 -16.13
N CYS B 352 -24.55 -6.98 -15.17
CA CYS B 352 -24.65 -6.66 -13.71
C CYS B 352 -23.26 -6.30 -13.16
N TYR B 353 -22.22 -7.00 -13.61
CA TYR B 353 -20.81 -6.87 -13.13
C TYR B 353 -19.99 -6.04 -14.13
N GLY B 354 -20.66 -5.14 -14.85
CA GLY B 354 -20.06 -4.21 -15.84
C GLY B 354 -20.44 -4.57 -17.27
N GLU B 355 -20.35 -3.60 -18.18
CA GLU B 355 -20.58 -3.81 -19.64
C GLU B 355 -19.43 -4.64 -20.23
N GLY B 356 -19.68 -5.33 -21.35
CA GLY B 356 -18.68 -6.05 -22.15
C GLY B 356 -18.00 -5.12 -23.14
N ASP B 357 -17.16 -5.66 -24.03
CA ASP B 357 -16.30 -4.89 -24.97
C ASP B 357 -15.32 -4.03 -24.16
N ALA B 358 -14.89 -4.51 -22.99
CA ALA B 358 -14.08 -3.76 -22.00
C ALA B 358 -12.63 -3.61 -22.47
N ALA B 359 -12.08 -4.62 -23.16
CA ALA B 359 -10.68 -4.63 -23.66
C ALA B 359 -10.43 -3.38 -24.52
N ALA B 360 -11.30 -3.12 -25.49
CA ALA B 360 -11.25 -1.96 -26.41
C ALA B 360 -11.18 -0.67 -25.58
N ARG B 361 -11.97 -0.57 -24.51
CA ARG B 361 -12.03 0.64 -23.63
C ARG B 361 -10.71 0.78 -22.86
N CYS B 362 -10.06 -0.33 -22.48
CA CYS B 362 -8.73 -0.32 -21.81
C CYS B 362 -7.68 0.22 -22.79
N LEU B 363 -7.70 -0.25 -24.04
CA LEU B 363 -6.74 0.19 -25.10
C LEU B 363 -6.86 1.70 -25.32
N GLU B 364 -8.09 2.21 -25.43
CA GLU B 364 -8.38 3.65 -25.64
C GLU B 364 -7.71 4.47 -24.51
N ALA B 365 -7.98 4.09 -23.25
CA ALA B 365 -7.45 4.75 -22.04
C ALA B 365 -5.93 4.71 -22.05
N LEU B 366 -5.31 3.59 -22.43
CA LEU B 366 -3.84 3.46 -22.56
C LEU B 366 -3.33 4.39 -23.65
N ARG B 367 -4.00 4.42 -24.82
CA ARG B 367 -3.55 5.26 -25.96
C ARG B 367 -3.71 6.75 -25.61
N GLU B 368 -4.72 7.11 -24.81
CA GLU B 368 -4.98 8.49 -24.33
C GLU B 368 -3.87 8.94 -23.37
N ARG B 369 -3.59 8.16 -22.32
CA ARG B 369 -2.60 8.53 -21.28
C ARG B 369 -1.18 8.49 -21.87
N TRP B 370 -0.86 7.41 -22.60
CA TRP B 370 0.46 7.18 -23.24
C TRP B 370 0.26 6.95 -24.74
#